data_2J3H
#
_entry.id   2J3H
#
_cell.length_a   49.460
_cell.length_b   122.980
_cell.length_c   148.000
_cell.angle_alpha   90.00
_cell.angle_beta   90.00
_cell.angle_gamma   90.00
#
_symmetry.space_group_name_H-M   'P 21 21 21'
#
loop_
_entity.id
_entity.type
_entity.pdbx_description
1 polymer 'NADP-DEPENDENT OXIDOREDUCTASE P1'
2 water water
#
_entity_poly.entity_id   1
_entity_poly.type   'polypeptide(L)'
_entity_poly.pdbx_seq_one_letter_code
;MTATNKQVILKDYVSGFPTESDFDFTTTTVELRVPEGTNSVLVKNLYLSCDPYMRIRMGKPDPSTAALAQAYTPGQPIQG
YGVSRIIESGHPDYKKGDLLWGIVAWEEYSVITPMTHAHFKIQHTDVPLSYYTGLLGMPGMTAYAGFYEVCSPKEGETVY
VSAASGAVGQLVGQLAKMMGCYVVGSAGSKEKVDLLKTKFGFDDAFNYKEESDLTAALKRCFPNGIDIYFENVGGKMLDA
VLVNMNMHGRIAVCGMISQYNLENQEGVHNLSNIIYKRNRIQGFVVSDFYDKYSKFLEFVLPHIREGKITYVEDVADGLE
KAPEALVGLFHGKNVGKQVVVVARE
;
_entity_poly.pdbx_strand_id   A,B
#
# COMPACT_ATOMS: atom_id res chain seq x y z
N MET A 1 49.40 -18.64 -18.42
CA MET A 1 48.26 -18.70 -19.35
C MET A 1 47.56 -17.38 -19.66
N THR A 2 47.07 -17.16 -20.89
CA THR A 2 46.60 -15.85 -21.31
C THR A 2 45.53 -15.96 -22.35
N ALA A 3 44.31 -16.10 -21.82
CA ALA A 3 43.12 -16.24 -22.65
C ALA A 3 42.57 -14.93 -23.20
N THR A 4 41.80 -15.01 -24.30
CA THR A 4 41.04 -13.84 -24.74
C THR A 4 39.68 -13.99 -24.04
N ASN A 5 39.17 -12.80 -23.66
CA ASN A 5 37.95 -12.63 -22.89
C ASN A 5 36.92 -11.76 -23.58
N LYS A 6 35.84 -12.35 -24.11
CA LYS A 6 34.86 -11.53 -24.79
C LYS A 6 33.83 -11.01 -23.81
N GLN A 7 33.45 -9.75 -24.00
CA GLN A 7 32.54 -8.99 -23.16
C GLN A 7 31.28 -8.52 -23.90
N VAL A 8 30.05 -8.61 -23.34
CA VAL A 8 28.90 -7.91 -23.94
C VAL A 8 28.92 -6.51 -23.30
N ILE A 9 29.07 -5.43 -24.08
CA ILE A 9 29.16 -4.05 -23.61
C ILE A 9 27.85 -3.26 -23.76
N LEU A 10 27.51 -2.30 -22.89
CA LEU A 10 26.37 -1.40 -23.11
C LEU A 10 27.01 -0.29 -23.90
N LYS A 11 26.54 -0.09 -25.14
CA LYS A 11 27.07 0.99 -25.96
C LYS A 11 26.71 2.37 -25.42
N ASP A 12 25.41 2.56 -25.10
CA ASP A 12 24.91 3.76 -24.46
C ASP A 12 23.48 3.54 -24.01
N TYR A 13 23.15 4.42 -23.08
CA TYR A 13 21.86 4.58 -22.44
C TYR A 13 20.64 4.46 -23.34
N VAL A 14 19.63 3.69 -22.92
CA VAL A 14 18.40 3.59 -23.70
C VAL A 14 17.29 4.45 -23.09
N SER A 15 16.27 4.56 -23.95
CA SER A 15 14.99 5.17 -23.68
C SER A 15 14.01 4.27 -24.42
N GLY A 16 12.95 3.82 -23.74
CA GLY A 16 12.00 2.90 -24.32
C GLY A 16 12.59 1.49 -24.33
N PHE A 17 12.04 0.63 -25.20
CA PHE A 17 12.48 -0.74 -25.30
C PHE A 17 13.83 -0.85 -25.95
N PRO A 18 14.73 -1.65 -25.34
CA PRO A 18 16.06 -1.88 -25.88
C PRO A 18 16.06 -2.96 -26.96
N THR A 19 16.98 -2.75 -27.88
CA THR A 19 17.17 -3.67 -29.00
C THR A 19 18.63 -4.18 -29.01
N GLU A 20 18.88 -5.25 -29.77
CA GLU A 20 20.17 -5.93 -29.89
C GLU A 20 21.36 -5.05 -30.19
N SER A 21 21.05 -3.88 -30.77
CA SER A 21 21.99 -2.84 -31.16
C SER A 21 22.42 -1.84 -30.11
N ASP A 22 21.88 -1.92 -28.89
CA ASP A 22 22.27 -1.02 -27.82
C ASP A 22 23.46 -1.59 -27.03
N PHE A 23 23.94 -2.75 -27.53
CA PHE A 23 25.07 -3.54 -27.02
C PHE A 23 26.08 -3.86 -28.10
N ASP A 24 27.39 -3.99 -27.76
CA ASP A 24 28.40 -4.48 -28.69
C ASP A 24 29.37 -5.46 -28.02
N PHE A 25 29.95 -6.40 -28.78
CA PHE A 25 30.95 -7.34 -28.30
C PHE A 25 32.34 -6.83 -28.53
N THR A 26 33.14 -7.01 -27.48
CA THR A 26 34.57 -6.76 -27.58
C THR A 26 35.27 -8.01 -27.03
N THR A 27 36.58 -7.87 -26.90
CA THR A 27 37.45 -8.85 -26.29
C THR A 27 38.54 -8.07 -25.57
N THR A 28 38.94 -8.57 -24.41
CA THR A 28 40.16 -8.13 -23.76
C THR A 28 40.93 -9.41 -23.53
N THR A 29 42.22 -9.29 -23.27
CA THR A 29 43.02 -10.46 -23.02
C THR A 29 43.22 -10.60 -21.51
N VAL A 30 42.93 -11.78 -20.94
CA VAL A 30 43.09 -12.01 -19.51
C VAL A 30 44.30 -12.87 -19.14
N GLU A 31 45.20 -12.31 -18.35
CA GLU A 31 46.25 -13.11 -17.74
C GLU A 31 45.49 -13.80 -16.61
N LEU A 32 45.54 -15.12 -16.64
CA LEU A 32 44.84 -15.93 -15.66
C LEU A 32 45.60 -16.13 -14.35
N ARG A 33 46.00 -14.97 -13.82
CA ARG A 33 46.71 -14.81 -12.56
C ARG A 33 45.78 -14.67 -11.37
N VAL A 34 46.47 -14.82 -10.24
CA VAL A 34 45.92 -14.67 -8.91
C VAL A 34 45.84 -13.15 -8.75
N PRO A 35 44.64 -12.60 -8.52
CA PRO A 35 44.10 -11.46 -9.25
C PRO A 35 44.62 -10.06 -8.96
N GLU A 36 44.20 -9.27 -9.94
CA GLU A 36 44.45 -7.84 -10.12
C GLU A 36 43.57 -6.97 -9.20
N GLY A 37 43.79 -7.14 -7.88
CA GLY A 37 43.02 -6.44 -6.86
C GLY A 37 43.36 -6.90 -5.43
N THR A 38 42.50 -6.47 -4.48
CA THR A 38 42.64 -6.74 -3.05
C THR A 38 42.28 -8.16 -2.58
N ASN A 39 41.02 -8.42 -2.18
CA ASN A 39 40.60 -9.75 -1.71
C ASN A 39 39.61 -10.39 -2.66
N SER A 40 40.23 -10.34 -3.84
CA SER A 40 39.73 -10.73 -5.13
C SER A 40 39.89 -12.19 -5.44
N VAL A 41 39.13 -12.54 -6.44
CA VAL A 41 39.06 -13.88 -6.95
C VAL A 41 38.97 -13.76 -8.47
N LEU A 42 39.67 -14.58 -9.29
CA LEU A 42 39.43 -14.59 -10.74
C LEU A 42 38.47 -15.75 -10.95
N VAL A 43 37.53 -15.54 -11.87
CA VAL A 43 36.45 -16.48 -12.03
C VAL A 43 36.12 -16.74 -13.49
N LYS A 44 35.63 -17.94 -13.76
CA LYS A 44 35.16 -18.29 -15.08
C LYS A 44 33.65 -18.32 -15.00
N ASN A 45 33.01 -17.36 -15.68
CA ASN A 45 31.55 -17.31 -15.72
C ASN A 45 30.99 -18.47 -16.52
N LEU A 46 30.24 -19.31 -15.81
CA LEU A 46 29.57 -20.48 -16.34
C LEU A 46 28.21 -20.08 -16.88
N TYR A 47 27.35 -19.50 -16.02
CA TYR A 47 26.02 -19.09 -16.42
C TYR A 47 25.78 -17.64 -16.07
N LEU A 48 24.68 -17.12 -16.62
CA LEU A 48 24.30 -15.73 -16.53
C LEU A 48 22.77 -15.61 -16.61
N SER A 49 22.25 -14.66 -15.84
CA SER A 49 20.85 -14.48 -15.68
C SER A 49 20.44 -13.22 -16.39
N CYS A 50 19.34 -13.39 -17.09
CA CYS A 50 18.70 -12.28 -17.76
C CYS A 50 17.55 -11.88 -16.85
N ASP A 51 17.85 -10.76 -16.18
CA ASP A 51 17.03 -10.27 -15.10
C ASP A 51 16.23 -9.03 -15.50
N PRO A 52 14.91 -8.96 -15.27
CA PRO A 52 14.03 -7.84 -15.63
C PRO A 52 14.40 -6.41 -15.21
N TYR A 53 14.88 -6.29 -13.96
CA TYR A 53 15.36 -5.05 -13.38
C TYR A 53 16.48 -4.45 -14.21
N MET A 54 17.18 -5.27 -15.03
CA MET A 54 18.36 -4.86 -15.77
C MET A 54 18.05 -3.72 -16.69
N ARG A 55 16.79 -3.66 -17.15
CA ARG A 55 16.36 -2.54 -17.98
C ARG A 55 16.37 -1.21 -17.23
N ILE A 56 16.14 -1.10 -15.92
CA ILE A 56 16.24 0.16 -15.18
C ILE A 56 17.67 0.70 -15.26
N ARG A 57 18.59 -0.26 -15.07
CA ARG A 57 20.03 -0.08 -15.13
C ARG A 57 20.54 0.40 -16.50
N MET A 58 19.82 0.10 -17.59
CA MET A 58 20.20 0.53 -18.93
C MET A 58 19.85 1.97 -19.30
N GLY A 59 18.92 2.61 -18.55
CA GLY A 59 18.54 4.00 -18.74
C GLY A 59 19.39 4.95 -17.88
N LYS A 60 19.48 6.22 -18.32
CA LYS A 60 20.25 7.28 -17.65
C LYS A 60 19.57 8.00 -16.50
N GLN A 70 23.79 3.30 -8.80
CA GLN A 70 24.19 3.72 -10.14
C GLN A 70 23.68 2.74 -11.22
N ALA A 71 23.61 3.30 -12.45
CA ALA A 71 23.25 2.55 -13.64
C ALA A 71 24.49 1.96 -14.31
N TYR A 72 24.35 1.18 -15.40
CA TYR A 72 25.51 0.64 -16.10
C TYR A 72 26.27 1.77 -16.78
N THR A 73 27.59 1.67 -16.94
CA THR A 73 28.32 2.69 -17.69
C THR A 73 28.38 2.24 -19.14
N PRO A 74 28.09 3.15 -20.08
CA PRO A 74 28.26 2.95 -21.51
C PRO A 74 29.73 2.84 -21.87
N GLY A 75 30.06 1.70 -22.48
CA GLY A 75 31.42 1.39 -22.85
C GLY A 75 31.96 0.28 -21.95
N GLN A 76 31.35 0.11 -20.78
CA GLN A 76 31.70 -0.92 -19.81
C GLN A 76 30.73 -2.09 -20.07
N PRO A 77 31.04 -3.34 -19.69
CA PRO A 77 30.08 -4.41 -19.66
C PRO A 77 28.88 -4.11 -18.77
N ILE A 78 27.98 -5.02 -19.05
CA ILE A 78 26.82 -5.05 -18.25
C ILE A 78 27.11 -6.13 -17.21
N GLN A 79 26.42 -5.82 -16.12
CA GLN A 79 26.53 -6.47 -14.85
C GLN A 79 25.22 -7.17 -14.62
N GLY A 80 25.29 -8.36 -14.08
CA GLY A 80 24.09 -9.08 -13.80
C GLY A 80 24.48 -10.17 -12.86
N TYR A 81 23.47 -10.98 -12.57
CA TYR A 81 23.64 -12.14 -11.73
C TYR A 81 24.06 -13.29 -12.63
N GLY A 82 24.92 -14.12 -12.06
CA GLY A 82 25.42 -15.32 -12.70
C GLY A 82 26.17 -16.25 -11.78
N VAL A 83 26.25 -17.50 -12.23
CA VAL A 83 26.99 -18.58 -11.59
C VAL A 83 28.42 -18.64 -12.12
N SER A 84 29.45 -18.78 -11.27
CA SER A 84 30.84 -18.83 -11.69
C SER A 84 31.71 -19.85 -11.00
N ARG A 85 32.95 -20.02 -11.46
CA ARG A 85 33.87 -20.99 -10.89
C ARG A 85 35.21 -20.35 -10.71
N ILE A 86 35.76 -20.48 -9.51
CA ILE A 86 37.04 -19.83 -9.22
C ILE A 86 38.17 -20.55 -9.92
N ILE A 87 38.91 -19.70 -10.60
CA ILE A 87 40.12 -20.12 -11.28
C ILE A 87 41.22 -19.78 -10.26
N GLU A 88 41.55 -18.50 -9.97
CA GLU A 88 42.54 -18.23 -8.96
C GLU A 88 41.99 -17.32 -7.87
N SER A 89 42.31 -17.66 -6.62
CA SER A 89 41.80 -16.91 -5.49
C SER A 89 42.73 -16.17 -4.55
N GLY A 90 42.30 -14.93 -4.27
CA GLY A 90 42.95 -14.03 -3.32
C GLY A 90 42.23 -14.13 -1.99
N HIS A 91 40.91 -14.33 -2.07
CA HIS A 91 40.06 -14.42 -0.90
C HIS A 91 40.23 -15.73 -0.14
N PRO A 92 40.41 -15.74 1.20
CA PRO A 92 40.59 -16.93 2.03
C PRO A 92 39.45 -17.92 2.11
N ASP A 93 38.31 -17.55 1.54
CA ASP A 93 37.12 -18.40 1.55
C ASP A 93 36.93 -19.26 0.32
N TYR A 94 37.56 -18.79 -0.75
CA TYR A 94 37.55 -19.38 -2.07
C TYR A 94 38.86 -20.00 -2.51
N LYS A 95 38.81 -21.21 -3.06
CA LYS A 95 39.96 -21.89 -3.63
C LYS A 95 39.66 -22.06 -5.10
N LYS A 96 40.54 -22.71 -5.86
CA LYS A 96 40.33 -22.97 -7.28
C LYS A 96 39.25 -24.03 -7.46
N GLY A 97 38.32 -23.91 -8.39
CA GLY A 97 37.36 -24.97 -8.58
C GLY A 97 36.10 -24.88 -7.74
N ASP A 98 36.02 -23.92 -6.82
CA ASP A 98 34.80 -23.74 -6.07
C ASP A 98 33.76 -23.00 -6.88
N LEU A 99 32.44 -23.27 -6.70
CA LEU A 99 31.42 -22.46 -7.36
C LEU A 99 30.85 -21.36 -6.45
N LEU A 100 30.42 -20.28 -7.10
CA LEU A 100 30.06 -19.00 -6.51
C LEU A 100 28.88 -18.38 -7.27
N TRP A 101 27.77 -17.91 -6.66
CA TRP A 101 26.84 -17.06 -7.40
C TRP A 101 26.81 -15.63 -6.85
N GLY A 102 26.47 -14.66 -7.68
CA GLY A 102 26.51 -13.26 -7.29
C GLY A 102 26.63 -12.36 -8.51
N ILE A 103 27.15 -11.14 -8.33
CA ILE A 103 27.23 -10.18 -9.43
C ILE A 103 28.58 -10.30 -10.08
N VAL A 104 28.37 -10.71 -11.34
CA VAL A 104 29.44 -10.86 -12.30
C VAL A 104 29.16 -9.89 -13.44
N ALA A 105 30.24 -9.61 -14.19
CA ALA A 105 30.17 -8.89 -15.45
C ALA A 105 29.78 -9.85 -16.57
N TRP A 106 29.33 -9.37 -17.74
CA TRP A 106 28.97 -10.22 -18.88
C TRP A 106 30.21 -10.43 -19.77
N GLU A 107 31.05 -11.35 -19.30
CA GLU A 107 32.34 -11.64 -19.87
C GLU A 107 32.58 -13.11 -19.68
N GLU A 108 33.69 -13.64 -20.20
CA GLU A 108 33.99 -15.04 -19.97
C GLU A 108 34.70 -15.17 -18.65
N TYR A 109 35.62 -14.23 -18.35
CA TYR A 109 36.38 -14.17 -17.10
C TYR A 109 36.18 -12.81 -16.47
N SER A 110 35.94 -12.86 -15.16
CA SER A 110 35.76 -11.69 -14.31
C SER A 110 36.65 -11.75 -13.09
N VAL A 111 37.19 -10.60 -12.66
CA VAL A 111 37.82 -10.50 -11.34
C VAL A 111 36.78 -9.87 -10.40
N ILE A 112 36.32 -10.62 -9.41
CA ILE A 112 35.39 -10.09 -8.43
C ILE A 112 35.97 -10.18 -7.02
N THR A 113 35.64 -9.20 -6.17
CA THR A 113 36.05 -9.24 -4.76
C THR A 113 34.83 -9.76 -4.03
N PRO A 114 34.78 -11.04 -3.64
CA PRO A 114 33.58 -11.65 -3.07
C PRO A 114 33.22 -11.03 -1.72
N MET A 115 31.91 -10.80 -1.50
CA MET A 115 31.42 -10.23 -0.25
C MET A 115 30.05 -10.71 0.15
N THR A 116 30.06 -11.35 1.30
CA THR A 116 28.89 -11.80 2.07
C THR A 116 27.50 -12.14 1.52
N HIS A 117 26.80 -11.03 1.21
CA HIS A 117 25.45 -11.06 0.70
C HIS A 117 25.39 -10.49 -0.69
N ALA A 118 26.54 -10.30 -1.29
CA ALA A 118 26.61 -9.95 -2.68
C ALA A 118 26.89 -11.27 -3.39
N HIS A 119 27.84 -12.05 -2.83
CA HIS A 119 28.31 -13.31 -3.35
C HIS A 119 28.21 -14.46 -2.37
N PHE A 120 27.61 -15.53 -2.88
CA PHE A 120 27.32 -16.76 -2.18
C PHE A 120 28.10 -17.93 -2.81
N LYS A 121 28.48 -18.91 -2.00
CA LYS A 121 29.23 -20.07 -2.44
C LYS A 121 28.31 -21.25 -2.52
N ILE A 122 28.39 -21.93 -3.68
CA ILE A 122 27.57 -23.09 -3.94
C ILE A 122 28.23 -24.34 -3.37
N GLN A 123 27.38 -24.97 -2.56
CA GLN A 123 27.70 -26.16 -1.79
C GLN A 123 26.99 -27.42 -2.29
N HIS A 124 25.72 -27.29 -2.67
CA HIS A 124 24.96 -28.43 -3.14
C HIS A 124 24.95 -28.38 -4.65
N THR A 125 25.73 -29.33 -5.16
CA THR A 125 25.94 -29.45 -6.59
C THR A 125 25.09 -30.56 -7.19
N ASP A 126 24.14 -31.09 -6.41
CA ASP A 126 23.24 -32.17 -6.83
C ASP A 126 21.90 -31.69 -7.39
N VAL A 127 22.00 -30.46 -7.90
CA VAL A 127 20.91 -29.75 -8.53
C VAL A 127 21.58 -29.14 -9.74
N PRO A 128 20.85 -28.90 -10.81
CA PRO A 128 21.35 -28.11 -11.93
C PRO A 128 21.97 -26.76 -11.50
N LEU A 129 23.17 -26.46 -12.01
CA LEU A 129 23.90 -25.26 -11.71
C LEU A 129 23.30 -23.95 -12.16
N SER A 130 22.29 -24.06 -13.01
CA SER A 130 21.63 -22.89 -13.55
C SER A 130 20.45 -22.50 -12.66
N TYR A 131 20.17 -23.33 -11.64
CA TYR A 131 19.15 -23.07 -10.65
C TYR A 131 19.66 -21.94 -9.83
N TYR A 132 20.95 -21.84 -9.62
CA TYR A 132 21.53 -20.77 -8.89
C TYR A 132 21.45 -19.45 -9.58
N THR A 133 20.89 -19.37 -10.79
CA THR A 133 20.62 -18.08 -11.41
C THR A 133 19.13 -17.76 -11.25
N GLY A 134 18.29 -18.73 -10.91
CA GLY A 134 16.88 -18.54 -10.75
C GLY A 134 16.39 -19.14 -9.45
N LEU A 135 15.83 -20.33 -9.49
CA LEU A 135 15.21 -20.97 -8.33
C LEU A 135 15.96 -21.02 -6.99
N LEU A 136 17.30 -21.04 -7.03
CA LEU A 136 18.14 -21.16 -5.84
C LEU A 136 19.12 -20.03 -5.81
N GLY A 137 18.83 -19.01 -6.61
CA GLY A 137 19.57 -17.77 -6.69
C GLY A 137 18.68 -16.62 -6.21
N MET A 138 18.94 -15.39 -6.70
CA MET A 138 18.15 -14.22 -6.33
C MET A 138 16.64 -14.23 -6.64
N PRO A 139 16.05 -14.79 -7.71
CA PRO A 139 14.62 -14.99 -7.81
C PRO A 139 13.99 -15.94 -6.83
N GLY A 140 14.69 -17.01 -6.45
CA GLY A 140 14.15 -17.95 -5.48
C GLY A 140 14.02 -17.31 -4.12
N MET A 141 15.02 -16.53 -3.75
CA MET A 141 15.05 -15.82 -2.48
C MET A 141 14.05 -14.68 -2.53
N THR A 142 13.72 -14.11 -3.72
CA THR A 142 12.67 -13.11 -3.85
C THR A 142 11.31 -13.71 -3.61
N ALA A 143 11.05 -14.93 -4.03
CA ALA A 143 9.76 -15.55 -3.80
C ALA A 143 9.63 -16.02 -2.36
N TYR A 144 10.70 -16.56 -1.74
CA TYR A 144 10.72 -17.05 -0.38
C TYR A 144 10.37 -15.95 0.59
N ALA A 145 11.22 -14.94 0.55
CA ALA A 145 11.13 -13.73 1.34
C ALA A 145 9.89 -12.90 1.13
N GLY A 146 9.39 -12.76 -0.10
CA GLY A 146 8.22 -11.97 -0.38
C GLY A 146 6.96 -12.73 -0.17
N PHE A 147 6.97 -14.04 0.00
CA PHE A 147 5.71 -14.73 0.22
C PHE A 147 5.59 -14.99 1.71
N TYR A 148 6.62 -15.58 2.32
CA TYR A 148 6.56 -15.94 3.72
C TYR A 148 6.74 -14.81 4.73
N GLU A 149 7.47 -13.75 4.38
CA GLU A 149 7.69 -12.63 5.28
C GLU A 149 6.70 -11.50 5.12
N VAL A 150 6.61 -11.05 3.86
CA VAL A 150 5.89 -9.87 3.41
C VAL A 150 4.40 -9.97 3.02
N CYS A 151 3.83 -11.16 2.88
CA CYS A 151 2.44 -11.37 2.46
C CYS A 151 1.57 -11.95 3.56
N SER A 152 2.26 -12.31 4.64
CA SER A 152 1.71 -12.94 5.83
C SER A 152 0.66 -13.98 5.51
N PRO A 153 1.01 -15.05 4.76
CA PRO A 153 0.07 -16.08 4.35
C PRO A 153 -0.40 -17.00 5.48
N LYS A 154 -1.69 -17.37 5.39
CA LYS A 154 -2.40 -18.29 6.29
C LYS A 154 -2.93 -19.40 5.44
N GLU A 155 -3.20 -20.61 5.92
CA GLU A 155 -3.68 -21.67 5.04
C GLU A 155 -5.04 -21.36 4.40
N GLY A 156 -5.24 -21.82 3.16
CA GLY A 156 -6.50 -21.64 2.46
C GLY A 156 -6.71 -20.30 1.75
N GLU A 157 -5.88 -19.28 1.97
CA GLU A 157 -5.99 -17.95 1.35
C GLU A 157 -6.03 -18.02 -0.15
N THR A 158 -6.55 -17.01 -0.84
CA THR A 158 -6.49 -17.00 -2.27
C THR A 158 -5.32 -16.12 -2.61
N VAL A 159 -4.40 -16.62 -3.42
CA VAL A 159 -3.18 -15.94 -3.84
C VAL A 159 -3.18 -15.68 -5.33
N TYR A 160 -2.88 -14.45 -5.75
CA TYR A 160 -2.72 -14.10 -7.15
C TYR A 160 -1.29 -13.62 -7.35
N VAL A 161 -0.59 -14.31 -8.26
CA VAL A 161 0.81 -14.00 -8.56
C VAL A 161 0.82 -13.35 -9.93
N SER A 162 1.44 -12.19 -10.12
CA SER A 162 1.53 -11.64 -11.46
C SER A 162 2.84 -12.13 -12.08
N ALA A 163 2.90 -12.24 -13.42
CA ALA A 163 4.03 -12.82 -14.15
C ALA A 163 4.37 -14.17 -13.56
N ALA A 164 3.36 -15.04 -13.49
CA ALA A 164 3.46 -16.35 -12.86
C ALA A 164 4.40 -17.35 -13.48
N SER A 165 4.91 -16.97 -14.64
CA SER A 165 5.74 -17.81 -15.49
C SER A 165 7.21 -17.47 -15.34
N GLY A 166 7.51 -16.28 -14.81
CA GLY A 166 8.88 -15.82 -14.58
C GLY A 166 9.53 -16.54 -13.42
N ALA A 167 10.79 -16.22 -13.13
CA ALA A 167 11.50 -16.91 -12.07
C ALA A 167 10.92 -16.79 -10.66
N VAL A 168 10.36 -15.62 -10.31
CA VAL A 168 9.79 -15.43 -8.99
C VAL A 168 8.43 -16.06 -9.07
N GLY A 169 7.57 -15.67 -10.01
CA GLY A 169 6.22 -16.18 -10.05
C GLY A 169 6.08 -17.68 -9.94
N GLN A 170 7.03 -18.43 -10.48
CA GLN A 170 6.94 -19.89 -10.47
C GLN A 170 7.04 -20.46 -9.09
N LEU A 171 7.99 -19.93 -8.30
CA LEU A 171 8.16 -20.42 -6.95
C LEU A 171 7.07 -19.90 -6.00
N VAL A 172 6.58 -18.64 -6.04
CA VAL A 172 5.50 -18.13 -5.17
C VAL A 172 4.23 -18.96 -5.20
N GLY A 173 3.80 -19.32 -6.40
CA GLY A 173 2.60 -20.11 -6.56
C GLY A 173 2.77 -21.51 -6.06
N GLN A 174 4.01 -22.01 -6.13
CA GLN A 174 4.31 -23.34 -5.61
C GLN A 174 4.40 -23.27 -4.09
N LEU A 175 4.96 -22.20 -3.48
CA LEU A 175 5.00 -22.05 -2.01
C LEU A 175 3.57 -21.81 -1.49
N ALA A 176 2.77 -21.02 -2.22
CA ALA A 176 1.35 -20.82 -1.95
C ALA A 176 0.61 -22.13 -2.03
N LYS A 177 0.69 -22.93 -3.13
CA LYS A 177 0.05 -24.24 -3.25
C LYS A 177 0.44 -25.23 -2.18
N MET A 178 1.70 -25.29 -1.72
CA MET A 178 2.15 -26.18 -0.64
C MET A 178 1.53 -25.88 0.72
N MET A 179 1.13 -24.62 0.91
CA MET A 179 0.51 -24.14 2.13
C MET A 179 -1.01 -24.21 2.09
N GLY A 180 -1.52 -24.83 1.04
CA GLY A 180 -2.96 -25.02 0.91
C GLY A 180 -3.70 -23.79 0.40
N CYS A 181 -3.02 -22.88 -0.31
CA CYS A 181 -3.69 -21.71 -0.89
C CYS A 181 -4.22 -21.94 -2.31
N TYR A 182 -5.24 -21.17 -2.70
CA TYR A 182 -5.85 -21.22 -4.02
C TYR A 182 -5.04 -20.24 -4.82
N VAL A 183 -4.27 -20.75 -5.77
CA VAL A 183 -3.38 -19.93 -6.57
C VAL A 183 -3.89 -19.77 -7.98
N VAL A 184 -3.73 -18.53 -8.45
CA VAL A 184 -4.08 -18.15 -9.80
C VAL A 184 -2.93 -17.27 -10.25
N GLY A 185 -2.43 -17.57 -11.46
CA GLY A 185 -1.41 -16.75 -12.10
C GLY A 185 -1.85 -16.27 -13.49
N SER A 186 -1.10 -15.32 -14.05
CA SER A 186 -1.36 -14.80 -15.36
C SER A 186 -0.04 -14.86 -16.12
N ALA A 187 -0.15 -15.09 -17.42
CA ALA A 187 1.00 -15.05 -18.30
C ALA A 187 0.63 -14.41 -19.64
N GLY A 188 1.57 -14.03 -20.52
CA GLY A 188 1.26 -13.40 -21.80
C GLY A 188 1.21 -14.27 -23.08
N SER A 189 0.97 -15.58 -23.02
CA SER A 189 0.90 -16.42 -24.20
C SER A 189 0.22 -17.69 -23.77
N LYS A 190 -0.33 -18.48 -24.69
CA LYS A 190 -0.98 -19.73 -24.31
C LYS A 190 -0.04 -20.75 -23.71
N GLU A 191 1.16 -20.71 -24.23
CA GLU A 191 2.21 -21.64 -23.87
C GLU A 191 2.57 -21.40 -22.41
N LYS A 192 2.92 -20.13 -22.09
CA LYS A 192 3.22 -19.64 -20.73
C LYS A 192 2.00 -19.82 -19.81
N VAL A 193 0.76 -19.58 -20.29
CA VAL A 193 -0.47 -19.81 -19.55
C VAL A 193 -0.76 -21.31 -19.40
N ASP A 194 -0.11 -22.25 -20.10
CA ASP A 194 -0.41 -23.68 -19.90
C ASP A 194 0.50 -24.41 -18.93
N LEU A 195 1.77 -23.98 -18.87
CA LEU A 195 2.76 -24.44 -17.91
C LEU A 195 2.25 -24.31 -16.47
N LEU A 196 1.58 -23.19 -16.16
CA LEU A 196 1.06 -22.87 -14.82
C LEU A 196 0.06 -23.92 -14.34
N LYS A 197 -0.65 -24.67 -15.19
CA LYS A 197 -1.44 -25.82 -14.73
C LYS A 197 -0.77 -27.15 -15.04
N THR A 198 -0.09 -27.28 -16.20
CA THR A 198 0.51 -28.56 -16.57
C THR A 198 1.79 -28.86 -15.81
N LYS A 199 2.51 -27.83 -15.32
CA LYS A 199 3.72 -28.10 -14.58
C LYS A 199 3.69 -27.70 -13.12
N PHE A 200 3.09 -26.53 -12.90
CA PHE A 200 3.11 -25.91 -11.59
C PHE A 200 1.89 -26.16 -10.70
N GLY A 201 0.75 -26.49 -11.32
CA GLY A 201 -0.47 -26.86 -10.62
C GLY A 201 -1.34 -25.69 -10.13
N PHE A 202 -1.05 -24.44 -10.53
CA PHE A 202 -1.84 -23.27 -10.17
C PHE A 202 -3.28 -23.56 -10.43
N ASP A 203 -4.13 -23.25 -9.45
CA ASP A 203 -5.54 -23.57 -9.54
C ASP A 203 -6.27 -22.95 -10.72
N ASP A 204 -5.61 -21.96 -11.33
CA ASP A 204 -6.17 -21.29 -12.47
C ASP A 204 -5.08 -20.43 -13.04
N ALA A 205 -5.41 -19.92 -14.23
CA ALA A 205 -4.55 -19.06 -15.01
C ALA A 205 -5.30 -18.39 -16.16
N PHE A 206 -4.84 -17.25 -16.65
CA PHE A 206 -5.46 -16.59 -17.78
C PHE A 206 -4.35 -15.82 -18.48
N ASN A 207 -4.57 -15.48 -19.75
CA ASN A 207 -3.56 -14.78 -20.51
C ASN A 207 -3.83 -13.30 -20.43
N TYR A 208 -3.05 -12.53 -19.68
CA TYR A 208 -3.38 -11.13 -19.55
C TYR A 208 -3.25 -10.35 -20.85
N LYS A 209 -2.86 -10.98 -21.97
CA LYS A 209 -2.85 -10.25 -23.22
C LYS A 209 -4.13 -10.48 -24.00
N GLU A 210 -4.70 -11.69 -24.01
CA GLU A 210 -5.95 -11.95 -24.71
C GLU A 210 -7.15 -11.96 -23.76
N GLU A 211 -7.12 -10.87 -23.01
CA GLU A 211 -8.04 -10.64 -21.94
C GLU A 211 -8.09 -9.13 -21.89
N SER A 212 -9.08 -8.61 -22.60
CA SER A 212 -9.30 -7.18 -22.58
C SER A 212 -10.38 -6.88 -21.55
N ASP A 213 -10.30 -7.66 -20.47
CA ASP A 213 -11.25 -7.71 -19.35
C ASP A 213 -10.54 -7.16 -18.12
N LEU A 214 -9.68 -8.03 -17.56
CA LEU A 214 -8.81 -7.91 -16.40
C LEU A 214 -9.48 -7.72 -15.09
N THR A 215 -10.25 -6.67 -14.84
CA THR A 215 -10.97 -6.57 -13.59
C THR A 215 -11.95 -7.73 -13.62
N ALA A 216 -12.63 -7.93 -14.75
CA ALA A 216 -13.53 -9.08 -14.90
C ALA A 216 -12.82 -10.44 -15.06
N ALA A 217 -11.52 -10.42 -15.48
CA ALA A 217 -10.68 -11.62 -15.53
C ALA A 217 -10.39 -12.11 -14.12
N LEU A 218 -9.95 -11.16 -13.26
CA LEU A 218 -9.74 -11.43 -11.84
C LEU A 218 -11.03 -11.79 -11.08
N LYS A 219 -12.16 -11.19 -11.45
CA LYS A 219 -13.46 -11.52 -10.87
C LYS A 219 -13.88 -12.93 -11.19
N ARG A 220 -13.55 -13.41 -12.39
CA ARG A 220 -13.88 -14.77 -12.81
C ARG A 220 -13.06 -15.78 -12.05
N CYS A 221 -11.72 -15.66 -12.03
CA CYS A 221 -10.82 -16.59 -11.34
C CYS A 221 -10.92 -16.63 -9.82
N PHE A 222 -11.37 -15.50 -9.28
CA PHE A 222 -11.57 -15.29 -7.86
C PHE A 222 -13.02 -14.97 -7.48
N PRO A 223 -13.92 -15.96 -7.37
CA PRO A 223 -15.30 -15.80 -6.90
C PRO A 223 -15.34 -15.22 -5.47
N ASN A 224 -14.28 -15.54 -4.73
CA ASN A 224 -14.14 -15.08 -3.37
C ASN A 224 -13.15 -13.95 -3.23
N GLY A 225 -12.69 -13.33 -4.31
CA GLY A 225 -11.74 -12.23 -4.20
C GLY A 225 -10.34 -12.71 -3.87
N ILE A 226 -9.44 -11.73 -3.83
CA ILE A 226 -8.03 -11.96 -3.59
C ILE A 226 -7.63 -11.54 -2.20
N ASP A 227 -6.87 -12.36 -1.49
CA ASP A 227 -6.31 -12.05 -0.19
C ASP A 227 -4.86 -11.62 -0.32
N ILE A 228 -4.04 -12.37 -1.08
CA ILE A 228 -2.63 -12.03 -1.30
C ILE A 228 -2.33 -11.69 -2.77
N TYR A 229 -1.56 -10.64 -3.09
CA TYR A 229 -1.22 -10.38 -4.46
C TYR A 229 0.28 -10.25 -4.44
N PHE A 230 0.97 -11.16 -5.15
CA PHE A 230 2.39 -11.07 -5.25
C PHE A 230 2.58 -10.28 -6.53
N GLU A 231 2.85 -8.98 -6.37
CA GLU A 231 3.00 -7.99 -7.42
C GLU A 231 4.35 -7.79 -8.12
N ASN A 232 4.37 -8.13 -9.40
CA ASN A 232 5.55 -8.05 -10.24
C ASN A 232 5.44 -7.13 -11.44
N VAL A 233 4.20 -6.87 -11.87
CA VAL A 233 3.97 -6.05 -13.06
C VAL A 233 3.54 -4.61 -12.83
N GLY A 234 2.60 -4.33 -11.91
CA GLY A 234 2.16 -2.96 -11.62
C GLY A 234 1.03 -2.43 -12.46
N GLY A 235 0.91 -1.10 -12.41
CA GLY A 235 -0.01 -0.33 -13.21
C GLY A 235 -1.46 -0.78 -13.24
N LYS A 236 -1.88 -1.03 -14.48
CA LYS A 236 -3.26 -1.38 -14.82
C LYS A 236 -3.74 -2.70 -14.22
N MET A 237 -2.80 -3.60 -13.90
CA MET A 237 -3.03 -4.89 -13.27
C MET A 237 -3.28 -4.69 -11.78
N LEU A 238 -2.58 -3.70 -11.17
CA LEU A 238 -2.80 -3.29 -9.77
C LEU A 238 -4.20 -2.71 -9.61
N ASP A 239 -4.68 -1.83 -10.50
CA ASP A 239 -6.04 -1.35 -10.47
C ASP A 239 -7.09 -2.47 -10.46
N ALA A 240 -6.90 -3.53 -11.27
CA ALA A 240 -7.84 -4.65 -11.35
C ALA A 240 -7.86 -5.49 -10.11
N VAL A 241 -6.66 -5.59 -9.52
CA VAL A 241 -6.48 -6.31 -8.29
C VAL A 241 -7.08 -5.49 -7.16
N LEU A 242 -6.80 -4.18 -7.12
CA LEU A 242 -7.36 -3.30 -6.08
C LEU A 242 -8.85 -3.41 -6.07
N VAL A 243 -9.54 -3.63 -7.19
CA VAL A 243 -11.00 -3.78 -7.16
C VAL A 243 -11.39 -5.20 -6.77
N ASN A 244 -10.43 -6.10 -6.64
CA ASN A 244 -10.78 -7.48 -6.33
C ASN A 244 -10.37 -7.94 -4.98
N MET A 245 -9.54 -7.15 -4.29
CA MET A 245 -9.08 -7.47 -2.97
C MET A 245 -10.22 -7.62 -1.99
N ASN A 246 -9.84 -8.48 -1.05
CA ASN A 246 -10.60 -8.84 0.11
C ASN A 246 -10.13 -8.03 1.28
N MET A 247 -11.01 -8.02 2.26
CA MET A 247 -10.76 -7.34 3.51
C MET A 247 -9.49 -7.86 4.09
N HIS A 248 -8.63 -6.95 4.54
CA HIS A 248 -7.37 -7.26 5.21
C HIS A 248 -6.37 -8.02 4.35
N GLY A 249 -6.60 -7.81 3.04
CA GLY A 249 -5.80 -8.35 1.98
C GLY A 249 -4.52 -7.56 1.88
N ARG A 250 -3.44 -8.32 1.72
CA ARG A 250 -2.09 -7.81 1.63
C ARG A 250 -1.53 -7.84 0.22
N ILE A 251 -0.82 -6.80 -0.23
CA ILE A 251 -0.17 -6.79 -1.52
C ILE A 251 1.32 -6.65 -1.22
N ALA A 252 2.18 -7.53 -1.73
CA ALA A 252 3.62 -7.42 -1.52
C ALA A 252 4.25 -6.94 -2.83
N VAL A 253 4.84 -5.71 -2.88
CA VAL A 253 5.32 -5.13 -4.13
C VAL A 253 6.80 -5.32 -4.25
N CYS A 254 7.02 -6.04 -5.34
CA CYS A 254 8.32 -6.59 -5.63
C CYS A 254 9.00 -5.87 -6.76
N GLY A 255 8.20 -5.60 -7.76
CA GLY A 255 8.69 -4.92 -8.94
C GLY A 255 7.48 -4.47 -9.71
N MET A 256 7.70 -3.70 -10.76
CA MET A 256 6.59 -3.28 -11.59
C MET A 256 7.07 -3.29 -13.02
N ILE A 257 7.19 -4.51 -13.58
CA ILE A 257 7.86 -4.66 -14.87
C ILE A 257 7.23 -3.96 -16.05
N SER A 258 5.91 -3.74 -16.02
CA SER A 258 5.18 -3.07 -17.06
C SER A 258 5.50 -1.58 -17.19
N GLN A 259 6.33 -1.06 -16.30
CA GLN A 259 6.64 0.34 -16.26
C GLN A 259 8.06 0.68 -16.66
N TYR A 260 8.93 -0.35 -16.59
CA TYR A 260 10.37 -0.16 -16.77
C TYR A 260 10.73 0.44 -18.11
N ASN A 261 10.03 0.03 -19.17
CA ASN A 261 10.29 0.53 -20.52
C ASN A 261 9.43 1.73 -20.91
N LEU A 262 8.60 2.19 -19.98
CA LEU A 262 7.82 3.38 -20.20
C LEU A 262 8.66 4.55 -19.77
N GLU A 263 8.55 5.50 -20.69
CA GLU A 263 9.22 6.79 -20.65
C GLU A 263 8.53 7.66 -19.57
N ASN A 264 7.18 7.56 -19.55
CA ASN A 264 6.32 8.15 -18.53
C ASN A 264 5.37 7.07 -18.02
N GLN A 265 5.40 6.89 -16.70
CA GLN A 265 4.61 5.88 -16.02
C GLN A 265 3.10 6.08 -15.87
N GLU A 266 2.41 4.96 -15.63
CA GLU A 266 0.98 4.90 -15.44
C GLU A 266 0.50 5.18 -14.02
N GLY A 267 -0.72 5.71 -14.01
CA GLY A 267 -1.39 6.04 -12.78
C GLY A 267 -2.30 4.94 -12.26
N VAL A 268 -2.42 4.93 -10.93
CA VAL A 268 -3.34 4.03 -10.28
C VAL A 268 -4.47 4.91 -9.71
N HIS A 269 -5.67 4.55 -10.18
CA HIS A 269 -6.94 5.20 -9.92
C HIS A 269 -7.77 4.61 -8.79
N ASN A 270 -7.55 3.33 -8.53
CA ASN A 270 -8.31 2.59 -7.52
C ASN A 270 -7.73 2.52 -6.13
N LEU A 271 -6.80 3.43 -5.83
CA LEU A 271 -6.11 3.40 -4.58
C LEU A 271 -6.98 3.68 -3.38
N SER A 272 -8.20 4.17 -3.57
CA SER A 272 -9.10 4.42 -2.46
C SER A 272 -9.60 3.13 -1.89
N ASN A 273 -9.59 2.01 -2.61
CA ASN A 273 -10.06 0.75 -2.04
C ASN A 273 -9.20 0.22 -0.92
N ILE A 274 -8.01 0.81 -0.69
CA ILE A 274 -7.18 0.29 0.38
C ILE A 274 -7.78 0.73 1.70
N ILE A 275 -8.53 1.84 1.78
CA ILE A 275 -9.23 2.27 2.98
C ILE A 275 -10.30 1.24 3.38
N TYR A 276 -11.21 1.00 2.42
CA TYR A 276 -12.42 0.18 2.55
C TYR A 276 -12.17 -1.24 2.94
N LYS A 277 -11.16 -1.79 2.27
CA LYS A 277 -10.76 -3.17 2.47
C LYS A 277 -9.53 -3.35 3.34
N ARG A 278 -9.00 -2.20 3.79
CA ARG A 278 -7.79 -2.02 4.61
C ARG A 278 -6.63 -2.92 4.26
N ASN A 279 -6.07 -2.57 3.08
CA ASN A 279 -4.98 -3.28 2.45
C ASN A 279 -3.65 -2.76 2.87
N ARG A 280 -2.80 -3.76 3.16
CA ARG A 280 -1.40 -3.51 3.34
C ARG A 280 -0.77 -3.65 1.96
N ILE A 281 0.01 -2.68 1.58
CA ILE A 281 0.79 -2.72 0.37
C ILE A 281 2.19 -2.48 0.95
N GLN A 282 3.14 -3.37 0.67
CA GLN A 282 4.45 -3.23 1.24
C GLN A 282 5.49 -3.34 0.19
N GLY A 283 6.40 -2.41 0.05
CA GLY A 283 7.48 -2.61 -0.92
C GLY A 283 8.62 -3.38 -0.29
N PHE A 284 9.35 -4.19 -1.04
CA PHE A 284 10.52 -4.83 -0.50
C PHE A 284 11.54 -5.11 -1.59
N VAL A 285 12.71 -5.35 -1.03
CA VAL A 285 13.91 -5.61 -1.78
C VAL A 285 14.51 -6.88 -1.21
N VAL A 286 14.74 -7.90 -2.05
CA VAL A 286 15.30 -9.19 -1.65
C VAL A 286 16.60 -9.18 -0.86
N SER A 287 17.53 -8.25 -1.13
CA SER A 287 18.81 -8.26 -0.46
C SER A 287 18.82 -7.99 1.03
N ASP A 288 17.68 -7.43 1.46
CA ASP A 288 17.43 -7.20 2.87
C ASP A 288 17.19 -8.50 3.61
N PHE A 289 16.93 -9.54 2.84
CA PHE A 289 16.65 -10.83 3.41
C PHE A 289 17.73 -11.84 3.23
N TYR A 290 18.86 -11.52 2.59
CA TYR A 290 19.84 -12.56 2.26
C TYR A 290 20.45 -13.31 3.41
N ASP A 291 20.34 -12.71 4.57
CA ASP A 291 20.72 -13.30 5.84
C ASP A 291 19.93 -14.56 6.16
N LYS A 292 18.79 -14.78 5.49
CA LYS A 292 17.93 -15.95 5.59
C LYS A 292 18.10 -16.93 4.41
N TYR A 293 19.21 -16.77 3.63
CA TYR A 293 19.49 -17.60 2.46
C TYR A 293 19.69 -19.05 2.80
N SER A 294 20.44 -19.31 3.88
CA SER A 294 20.67 -20.66 4.39
C SER A 294 19.42 -21.36 4.89
N LYS A 295 18.45 -20.58 5.37
CA LYS A 295 17.17 -21.07 5.85
C LYS A 295 16.31 -21.44 4.64
N PHE A 296 16.41 -20.64 3.59
CA PHE A 296 15.72 -20.87 2.34
C PHE A 296 16.22 -22.14 1.70
N LEU A 297 17.55 -22.19 1.53
CA LEU A 297 18.23 -23.27 0.87
C LEU A 297 17.96 -24.59 1.53
N GLU A 298 18.13 -24.69 2.85
CA GLU A 298 17.85 -25.94 3.54
C GLU A 298 16.37 -26.37 3.60
N PHE A 299 15.46 -25.44 3.35
CA PHE A 299 14.04 -25.72 3.29
C PHE A 299 13.63 -26.20 1.89
N VAL A 300 14.15 -25.56 0.85
CA VAL A 300 13.75 -25.84 -0.51
C VAL A 300 14.54 -26.92 -1.25
N LEU A 301 15.85 -27.12 -1.00
CA LEU A 301 16.60 -28.16 -1.66
C LEU A 301 16.02 -29.53 -1.49
N PRO A 302 15.55 -29.99 -0.32
CA PRO A 302 14.70 -31.16 -0.20
C PRO A 302 13.59 -31.27 -1.23
N HIS A 303 12.81 -30.21 -1.46
CA HIS A 303 11.68 -30.28 -2.35
C HIS A 303 12.04 -30.42 -3.79
N ILE A 304 13.08 -29.70 -4.17
CA ILE A 304 13.63 -29.76 -5.52
C ILE A 304 14.08 -31.18 -5.85
N ARG A 305 14.93 -31.71 -4.98
CA ARG A 305 15.52 -33.05 -5.02
C ARG A 305 14.58 -34.19 -5.14
N GLU A 306 13.39 -34.01 -4.58
CA GLU A 306 12.33 -35.01 -4.63
C GLU A 306 11.25 -34.75 -5.68
N GLY A 307 11.50 -33.76 -6.55
CA GLY A 307 10.58 -33.37 -7.61
C GLY A 307 9.31 -32.63 -7.15
N LYS A 308 9.26 -32.07 -5.93
CA LYS A 308 8.14 -31.28 -5.44
C LYS A 308 8.27 -29.85 -5.95
N ILE A 309 9.42 -29.17 -5.93
CA ILE A 309 9.48 -27.85 -6.51
C ILE A 309 10.13 -27.92 -7.90
N THR A 310 9.34 -27.76 -8.96
CA THR A 310 9.83 -27.79 -10.33
C THR A 310 10.33 -26.39 -10.74
N TYR A 311 10.72 -26.25 -12.01
CA TYR A 311 11.24 -25.04 -12.58
C TYR A 311 11.35 -25.17 -14.11
N VAL A 312 10.87 -24.16 -14.83
CA VAL A 312 10.98 -24.06 -16.26
C VAL A 312 11.99 -22.95 -16.48
N GLU A 313 13.12 -23.23 -17.13
CA GLU A 313 14.02 -22.18 -17.57
C GLU A 313 14.24 -22.23 -19.07
N ASP A 314 14.47 -21.06 -19.65
CA ASP A 314 14.70 -20.92 -21.07
C ASP A 314 16.19 -20.66 -21.22
N VAL A 315 16.97 -21.51 -21.91
CA VAL A 315 18.44 -21.37 -22.03
C VAL A 315 19.07 -20.81 -23.34
N ALA A 316 19.78 -19.67 -23.37
CA ALA A 316 20.51 -19.19 -24.54
C ALA A 316 21.94 -19.73 -24.44
N ASP A 317 22.67 -20.07 -25.53
CA ASP A 317 24.00 -20.69 -25.42
C ASP A 317 25.05 -19.80 -25.98
N GLY A 318 26.05 -19.46 -25.18
CA GLY A 318 27.11 -18.55 -25.54
C GLY A 318 26.75 -17.08 -25.33
N LEU A 319 27.75 -16.25 -25.01
CA LEU A 319 27.55 -14.83 -24.83
C LEU A 319 27.06 -14.12 -26.08
N GLU A 320 27.22 -14.79 -27.24
CA GLU A 320 26.83 -14.22 -28.53
C GLU A 320 25.33 -14.17 -28.64
N LYS A 321 24.64 -15.13 -28.06
CA LYS A 321 23.19 -15.16 -28.05
C LYS A 321 22.62 -14.44 -26.84
N ALA A 322 23.41 -13.61 -26.15
CA ALA A 322 22.92 -12.96 -24.95
C ALA A 322 22.32 -11.57 -25.12
N PRO A 323 22.73 -10.57 -25.95
CA PRO A 323 21.94 -9.36 -26.27
C PRO A 323 20.55 -9.61 -26.85
N GLU A 324 20.43 -10.66 -27.65
CA GLU A 324 19.20 -11.07 -28.31
C GLU A 324 18.23 -11.65 -27.30
N ALA A 325 18.80 -12.19 -26.20
CA ALA A 325 18.11 -12.87 -25.12
C ALA A 325 17.66 -11.94 -24.00
N LEU A 326 18.46 -10.90 -23.75
CA LEU A 326 18.13 -9.88 -22.79
C LEU A 326 16.99 -9.05 -23.37
N VAL A 327 17.10 -8.62 -24.64
CA VAL A 327 16.05 -7.89 -25.34
C VAL A 327 14.77 -8.69 -25.45
N GLY A 328 14.90 -9.95 -25.81
CA GLY A 328 13.76 -10.86 -25.92
C GLY A 328 12.97 -10.94 -24.62
N LEU A 329 13.62 -10.98 -23.47
CA LEU A 329 12.95 -11.00 -22.18
C LEU A 329 12.02 -9.79 -22.03
N PHE A 330 12.52 -8.58 -22.32
CA PHE A 330 11.77 -7.34 -22.22
C PHE A 330 10.58 -7.24 -23.18
N HIS A 331 10.50 -8.11 -24.20
CA HIS A 331 9.42 -8.21 -25.19
C HIS A 331 8.58 -9.45 -24.94
N GLY A 332 8.72 -10.05 -23.76
CA GLY A 332 7.99 -11.24 -23.32
C GLY A 332 8.29 -12.53 -24.07
N LYS A 333 9.37 -12.64 -24.83
CA LYS A 333 9.58 -13.84 -25.65
C LYS A 333 10.07 -15.10 -24.99
N ASN A 334 10.63 -15.02 -23.77
CA ASN A 334 11.15 -16.16 -22.99
C ASN A 334 10.09 -17.14 -22.57
N VAL A 335 10.31 -18.45 -22.44
CA VAL A 335 9.29 -19.24 -21.74
C VAL A 335 9.99 -19.84 -20.53
N GLY A 336 9.75 -19.09 -19.46
CA GLY A 336 10.34 -19.36 -18.17
C GLY A 336 11.56 -18.48 -17.98
N LYS A 337 12.41 -18.94 -17.06
CA LYS A 337 13.56 -18.15 -16.69
C LYS A 337 14.67 -18.08 -17.74
N GLN A 338 15.04 -16.86 -18.07
CA GLN A 338 16.06 -16.68 -19.05
C GLN A 338 17.49 -16.77 -18.52
N VAL A 339 18.10 -17.93 -18.78
CA VAL A 339 19.52 -18.21 -18.49
C VAL A 339 20.39 -17.95 -19.73
N VAL A 340 21.70 -17.73 -19.62
CA VAL A 340 22.63 -17.66 -20.75
C VAL A 340 23.79 -18.57 -20.38
N VAL A 341 24.06 -19.70 -21.06
CA VAL A 341 25.21 -20.54 -20.72
C VAL A 341 26.42 -19.85 -21.27
N VAL A 342 27.31 -19.31 -20.47
CA VAL A 342 28.50 -18.69 -21.03
C VAL A 342 29.56 -19.77 -21.26
N ALA A 343 29.53 -20.89 -20.50
CA ALA A 343 30.47 -21.99 -20.60
C ALA A 343 29.90 -23.10 -19.75
N ARG A 344 29.80 -24.34 -20.27
CA ARG A 344 29.31 -25.43 -19.42
C ARG A 344 30.49 -25.98 -18.65
N GLU A 345 30.24 -25.84 -17.34
CA GLU A 345 31.05 -26.15 -16.17
C GLU A 345 32.58 -26.13 -16.30
N MET B 1 -47.13 14.04 25.06
CA MET B 1 -46.05 13.16 24.65
C MET B 1 -46.11 12.45 23.28
N THR B 2 -46.46 13.22 22.23
CA THR B 2 -46.46 12.77 20.85
C THR B 2 -45.95 13.99 20.09
N ALA B 3 -44.61 14.00 20.11
CA ALA B 3 -43.74 15.02 19.54
C ALA B 3 -43.46 14.91 18.07
N THR B 4 -43.48 16.09 17.47
CA THR B 4 -43.10 16.23 16.08
C THR B 4 -41.58 16.07 15.99
N ASN B 5 -41.17 15.25 15.01
CA ASN B 5 -39.78 14.94 14.82
C ASN B 5 -39.27 15.28 13.42
N LYS B 6 -38.72 16.49 13.28
CA LYS B 6 -38.16 16.93 12.01
C LYS B 6 -36.92 16.09 11.66
N GLN B 7 -36.79 15.84 10.37
CA GLN B 7 -35.74 15.00 9.82
C GLN B 7 -35.17 15.63 8.57
N VAL B 8 -33.98 15.19 8.15
CA VAL B 8 -33.41 15.64 6.89
C VAL B 8 -32.87 14.44 6.12
N ILE B 9 -33.57 14.34 5.00
CA ILE B 9 -33.55 13.28 4.03
C ILE B 9 -32.55 13.48 2.92
N LEU B 10 -32.07 12.40 2.32
CA LEU B 10 -31.24 12.50 1.11
C LEU B 10 -32.24 12.23 -0.02
N LYS B 11 -32.43 13.12 -1.01
CA LYS B 11 -33.41 12.87 -2.07
C LYS B 11 -33.07 11.66 -2.92
N ASP B 12 -31.88 11.77 -3.51
CA ASP B 12 -31.30 10.75 -4.36
C ASP B 12 -29.79 10.86 -4.24
N TYR B 13 -29.16 9.84 -4.85
CA TYR B 13 -27.74 9.71 -5.02
C TYR B 13 -27.07 10.91 -5.69
N VAL B 14 -25.88 11.24 -5.20
CA VAL B 14 -25.11 12.37 -5.68
C VAL B 14 -24.02 11.95 -6.65
N SER B 15 -23.87 12.77 -7.69
CA SER B 15 -22.81 12.63 -8.67
C SER B 15 -22.03 13.92 -8.47
N GLY B 16 -20.70 13.82 -8.37
CA GLY B 16 -19.81 14.93 -8.08
C GLY B 16 -20.10 15.44 -6.68
N PHE B 17 -19.87 16.73 -6.42
CA PHE B 17 -20.22 17.32 -5.13
C PHE B 17 -21.71 17.34 -4.80
N PRO B 18 -22.11 17.23 -3.52
CA PRO B 18 -23.45 17.58 -3.11
C PRO B 18 -23.71 19.07 -2.98
N THR B 19 -24.97 19.40 -3.25
CA THR B 19 -25.51 20.75 -3.15
C THR B 19 -26.62 20.71 -2.11
N GLU B 20 -27.14 21.84 -1.60
CA GLU B 20 -28.22 21.84 -0.60
C GLU B 20 -29.55 21.35 -1.13
N SER B 21 -29.58 21.07 -2.44
CA SER B 21 -30.72 20.54 -3.19
C SER B 21 -30.80 19.04 -3.27
N ASP B 22 -29.74 18.30 -2.93
CA ASP B 22 -29.77 16.84 -2.92
C ASP B 22 -30.39 16.31 -1.62
N PHE B 23 -30.73 17.22 -0.67
CA PHE B 23 -31.35 16.96 0.65
C PHE B 23 -32.71 17.62 0.85
N ASP B 24 -33.52 17.07 1.73
CA ASP B 24 -34.83 17.61 1.96
C ASP B 24 -35.30 17.50 3.39
N PHE B 25 -36.39 18.13 3.82
CA PHE B 25 -36.93 17.99 5.17
C PHE B 25 -38.24 17.23 5.28
N THR B 26 -38.47 16.68 6.47
CA THR B 26 -39.69 15.92 6.76
C THR B 26 -39.97 16.14 8.24
N THR B 27 -41.19 15.74 8.65
CA THR B 27 -41.67 15.77 10.03
C THR B 27 -42.55 14.54 10.21
N THR B 28 -42.15 13.84 11.25
CA THR B 28 -42.82 12.67 11.76
C THR B 28 -43.45 13.15 13.07
N THR B 29 -44.33 12.38 13.73
CA THR B 29 -44.88 12.75 15.03
C THR B 29 -44.69 11.47 15.83
N VAL B 30 -43.55 11.41 16.52
CA VAL B 30 -43.19 10.26 17.33
C VAL B 30 -43.81 10.28 18.72
N GLU B 31 -44.19 9.12 19.26
CA GLU B 31 -44.75 9.00 20.60
C GLU B 31 -43.65 8.66 21.61
N LEU B 32 -43.54 9.46 22.69
CA LEU B 32 -42.51 9.33 23.73
C LEU B 32 -42.81 8.30 24.81
N ARG B 33 -43.15 7.10 24.35
CA ARG B 33 -43.35 5.97 25.25
C ARG B 33 -42.07 5.15 25.25
N VAL B 34 -41.95 4.21 26.19
CA VAL B 34 -40.80 3.32 26.21
C VAL B 34 -40.85 2.40 24.98
N PRO B 35 -39.77 2.28 24.18
CA PRO B 35 -39.64 1.33 23.09
C PRO B 35 -39.55 -0.16 23.41
N GLU B 36 -40.16 -0.95 22.50
CA GLU B 36 -40.21 -2.40 22.57
C GLU B 36 -39.40 -3.12 21.49
N GLY B 37 -39.05 -4.39 21.80
CA GLY B 37 -38.23 -5.26 20.98
C GLY B 37 -36.77 -4.98 21.28
N THR B 38 -35.94 -6.04 21.12
CA THR B 38 -34.50 -6.05 21.33
C THR B 38 -34.10 -5.26 22.60
N ASN B 39 -33.23 -4.25 22.53
CA ASN B 39 -32.82 -3.48 23.66
C ASN B 39 -32.79 -2.10 23.06
N SER B 40 -33.96 -1.53 22.92
CA SER B 40 -34.05 -0.22 22.29
C SER B 40 -34.11 0.87 23.33
N VAL B 41 -33.60 2.05 22.97
CA VAL B 41 -33.73 3.23 23.78
C VAL B 41 -34.22 4.32 22.82
N LEU B 42 -35.13 5.19 23.27
CA LEU B 42 -35.58 6.32 22.47
C LEU B 42 -34.63 7.44 22.81
N VAL B 43 -34.08 8.24 21.88
CA VAL B 43 -33.20 9.35 22.24
C VAL B 43 -33.60 10.71 21.64
N LYS B 44 -33.15 11.81 22.25
CA LYS B 44 -33.37 13.15 21.74
C LYS B 44 -31.99 13.55 21.28
N ASN B 45 -31.81 13.80 19.97
CA ASN B 45 -30.50 14.11 19.41
C ASN B 45 -30.12 15.56 19.63
N LEU B 46 -28.99 15.79 20.33
CA LEU B 46 -28.53 17.12 20.68
C LEU B 46 -27.56 17.60 19.65
N TYR B 47 -26.49 16.84 19.35
CA TYR B 47 -25.50 17.23 18.33
C TYR B 47 -25.37 16.21 17.23
N LEU B 48 -24.95 16.72 16.09
CA LEU B 48 -24.77 15.96 14.87
C LEU B 48 -23.43 16.37 14.29
N SER B 49 -22.84 15.41 13.60
CA SER B 49 -21.53 15.59 13.05
C SER B 49 -21.57 15.52 11.55
N CYS B 50 -20.65 16.31 10.98
CA CYS B 50 -20.43 16.35 9.56
C CYS B 50 -19.00 15.99 9.32
N ASP B 51 -18.91 14.72 9.02
CA ASP B 51 -17.65 14.06 8.77
C ASP B 51 -17.49 13.88 7.25
N PRO B 52 -16.30 14.01 6.63
CA PRO B 52 -16.05 13.85 5.20
C PRO B 52 -16.34 12.52 4.56
N TYR B 53 -16.41 11.45 5.36
CA TYR B 53 -16.74 10.12 4.87
C TYR B 53 -18.18 10.02 4.38
N MET B 54 -19.12 10.80 4.94
CA MET B 54 -20.54 10.76 4.63
C MET B 54 -20.84 10.87 3.14
N ARG B 55 -19.91 11.51 2.46
CA ARG B 55 -19.95 11.58 1.03
C ARG B 55 -19.88 10.20 0.42
N ILE B 56 -19.09 9.19 0.85
CA ILE B 56 -19.13 7.95 0.09
C ILE B 56 -20.45 7.25 0.31
N ARG B 57 -21.21 7.60 1.34
CA ARG B 57 -22.52 6.98 1.52
C ARG B 57 -23.62 7.71 0.75
N MET B 58 -23.37 8.87 0.14
CA MET B 58 -24.35 9.57 -0.65
C MET B 58 -24.45 9.15 -2.10
N GLY B 59 -23.34 8.62 -2.64
CA GLY B 59 -23.28 8.06 -3.97
C GLY B 59 -23.99 6.71 -4.11
N LYS B 60 -24.27 6.37 -5.38
CA LYS B 60 -24.92 5.13 -5.80
C LYS B 60 -24.17 3.86 -5.40
N PRO B 61 -24.86 2.77 -4.97
CA PRO B 61 -24.23 1.53 -4.50
C PRO B 61 -23.18 0.87 -5.41
N ASP B 62 -22.01 0.62 -4.82
CA ASP B 62 -20.88 -0.02 -5.47
C ASP B 62 -20.38 -1.07 -4.48
N PRO B 63 -19.98 -2.30 -4.85
CA PRO B 63 -19.57 -3.36 -3.95
C PRO B 63 -18.36 -3.05 -3.07
N SER B 64 -17.50 -2.15 -3.53
CA SER B 64 -16.27 -1.83 -2.80
C SER B 64 -16.41 -0.79 -1.71
N THR B 65 -17.32 0.15 -2.02
CA THR B 65 -17.77 1.26 -1.18
C THR B 65 -18.51 0.63 -0.02
N ALA B 66 -19.35 -0.39 -0.31
CA ALA B 66 -20.18 -1.16 0.62
C ALA B 66 -19.44 -2.04 1.64
N ALA B 67 -18.11 -2.07 1.43
CA ALA B 67 -17.17 -2.69 2.35
C ALA B 67 -17.09 -1.82 3.61
N LEU B 68 -17.04 -0.50 3.33
CA LEU B 68 -17.11 0.57 4.31
C LEU B 68 -18.58 0.98 4.50
N ALA B 69 -19.00 1.90 3.63
CA ALA B 69 -20.27 2.60 3.59
C ALA B 69 -21.61 1.94 3.90
N GLN B 70 -22.20 1.38 2.83
CA GLN B 70 -23.57 0.91 2.67
C GLN B 70 -24.32 2.23 2.49
N ALA B 71 -24.71 2.58 1.24
CA ALA B 71 -25.26 3.90 0.93
C ALA B 71 -26.53 4.34 1.63
N TYR B 72 -26.70 5.66 1.73
CA TYR B 72 -27.92 6.20 2.32
C TYR B 72 -29.06 5.79 1.41
N THR B 73 -30.17 5.33 1.99
CA THR B 73 -31.32 4.94 1.18
C THR B 73 -32.07 6.21 0.77
N PRO B 74 -32.37 6.50 -0.53
CA PRO B 74 -33.01 7.73 -1.01
C PRO B 74 -34.40 7.86 -0.41
N GLY B 75 -34.61 9.11 0.00
CA GLY B 75 -35.82 9.51 0.68
C GLY B 75 -35.82 9.09 2.13
N GLN B 76 -34.71 8.56 2.70
CA GLN B 76 -34.63 8.20 4.12
C GLN B 76 -33.59 9.07 4.81
N PRO B 77 -33.70 9.49 6.11
CA PRO B 77 -32.69 10.31 6.79
C PRO B 77 -31.29 9.75 6.80
N ILE B 78 -30.47 10.75 6.67
CA ILE B 78 -29.03 10.62 6.68
C ILE B 78 -28.67 10.09 8.05
N GLN B 79 -27.91 9.01 8.09
CA GLN B 79 -27.40 8.45 9.32
C GLN B 79 -26.01 9.05 9.50
N GLY B 80 -25.64 9.22 10.76
CA GLY B 80 -24.35 9.77 11.06
C GLY B 80 -24.04 9.71 12.53
N TYR B 81 -22.87 10.23 12.84
CA TYR B 81 -22.46 10.28 14.22
C TYR B 81 -23.11 11.44 14.91
N GLY B 82 -23.69 11.08 16.04
CA GLY B 82 -24.25 12.07 16.92
C GLY B 82 -24.09 11.70 18.38
N VAL B 83 -24.43 12.67 19.25
CA VAL B 83 -24.54 12.51 20.70
C VAL B 83 -25.95 12.96 21.08
N SER B 84 -26.58 12.11 21.88
CA SER B 84 -28.00 12.18 22.19
C SER B 84 -28.31 11.87 23.63
N ARG B 85 -29.50 12.32 24.07
CA ARG B 85 -30.00 12.08 25.43
C ARG B 85 -31.16 11.09 25.40
N ILE B 86 -31.05 10.09 26.28
CA ILE B 86 -31.98 8.99 26.48
C ILE B 86 -33.28 9.54 27.08
N ILE B 87 -34.35 9.67 26.26
CA ILE B 87 -35.68 10.03 26.75
C ILE B 87 -36.16 8.74 27.40
N GLU B 88 -36.71 7.73 26.73
CA GLU B 88 -37.11 6.50 27.42
C GLU B 88 -36.16 5.35 27.16
N SER B 89 -36.17 4.25 27.93
CA SER B 89 -35.25 3.15 27.67
C SER B 89 -35.69 1.73 27.99
N GLY B 90 -35.55 0.87 26.98
CA GLY B 90 -35.78 -0.56 27.08
C GLY B 90 -34.46 -1.33 27.11
N HIS B 91 -33.37 -0.70 27.60
CA HIS B 91 -32.03 -1.27 27.72
C HIS B 91 -31.50 -1.25 29.17
N PRO B 92 -30.78 -2.31 29.59
CA PRO B 92 -30.02 -2.41 30.84
C PRO B 92 -29.07 -1.31 31.29
N ASP B 93 -27.99 -1.08 30.53
CA ASP B 93 -27.03 -0.06 30.90
C ASP B 93 -27.31 1.31 30.29
N TYR B 94 -28.60 1.59 30.12
CA TYR B 94 -29.11 2.91 29.73
C TYR B 94 -30.43 3.20 30.43
N LYS B 95 -30.48 4.32 31.17
CA LYS B 95 -31.70 4.82 31.84
C LYS B 95 -31.99 6.21 31.29
N LYS B 96 -33.14 6.80 31.66
CA LYS B 96 -33.51 8.13 31.24
C LYS B 96 -32.48 9.18 31.66
N GLY B 97 -32.16 10.17 30.84
CA GLY B 97 -31.23 11.22 31.24
C GLY B 97 -29.79 11.02 30.80
N ASP B 98 -29.50 9.77 30.43
CA ASP B 98 -28.20 9.34 29.97
C ASP B 98 -27.78 9.84 28.60
N LEU B 99 -26.47 10.00 28.48
CA LEU B 99 -25.88 10.44 27.22
C LEU B 99 -25.00 9.36 26.60
N LEU B 100 -25.18 9.40 25.29
CA LEU B 100 -24.69 8.42 24.34
C LEU B 100 -24.22 9.14 23.12
N TRP B 101 -23.12 8.65 22.58
CA TRP B 101 -22.73 9.11 21.28
C TRP B 101 -22.60 7.81 20.55
N GLY B 102 -22.85 7.96 19.27
CA GLY B 102 -22.82 6.84 18.40
C GLY B 102 -23.51 7.27 17.16
N ILE B 103 -23.93 6.24 16.43
CA ILE B 103 -24.56 6.49 15.15
C ILE B 103 -26.05 6.53 15.28
N VAL B 104 -26.51 7.71 14.85
CA VAL B 104 -27.93 8.12 14.82
C VAL B 104 -28.38 8.79 13.50
N ALA B 105 -29.67 8.77 13.19
CA ALA B 105 -30.20 9.47 12.03
C ALA B 105 -30.23 10.98 12.22
N TRP B 106 -30.16 11.75 11.13
CA TRP B 106 -30.22 13.20 11.16
C TRP B 106 -31.64 13.72 11.29
N GLU B 107 -31.99 13.77 12.57
CA GLU B 107 -33.30 14.17 13.05
C GLU B 107 -33.30 14.50 14.54
N GLU B 108 -34.49 14.73 15.12
CA GLU B 108 -34.65 15.15 16.51
C GLU B 108 -34.83 14.07 17.54
N TYR B 109 -35.54 13.01 17.17
CA TYR B 109 -35.82 11.88 18.04
C TYR B 109 -35.51 10.59 17.31
N SER B 110 -34.88 9.63 17.98
CA SER B 110 -34.46 8.41 17.29
C SER B 110 -34.54 7.23 18.20
N VAL B 111 -35.30 6.21 17.82
CA VAL B 111 -35.31 4.96 18.57
C VAL B 111 -34.08 4.21 18.04
N ILE B 112 -33.17 3.81 18.93
CA ILE B 112 -31.97 3.11 18.52
C ILE B 112 -31.77 1.86 19.36
N THR B 113 -31.09 0.87 18.76
CA THR B 113 -30.76 -0.35 19.46
C THR B 113 -29.25 -0.37 19.69
N PRO B 114 -28.78 0.02 20.90
CA PRO B 114 -27.37 0.22 21.25
C PRO B 114 -26.47 -0.99 21.09
N MET B 115 -25.46 -0.89 20.21
CA MET B 115 -24.51 -1.96 19.95
C MET B 115 -23.07 -1.60 20.33
N THR B 116 -22.29 -2.55 20.84
CA THR B 116 -20.95 -2.31 21.41
C THR B 116 -20.03 -1.34 20.67
N HIS B 117 -19.82 -1.51 19.35
CA HIS B 117 -18.94 -0.62 18.61
C HIS B 117 -19.66 0.31 17.66
N ALA B 118 -20.90 0.56 18.04
CA ALA B 118 -21.79 1.49 17.36
C ALA B 118 -22.12 2.67 18.28
N HIS B 119 -22.45 2.39 19.55
CA HIS B 119 -22.85 3.35 20.58
C HIS B 119 -22.06 3.20 21.84
N PHE B 120 -21.69 4.40 22.29
CA PHE B 120 -20.87 4.59 23.47
C PHE B 120 -21.44 5.61 24.46
N LYS B 121 -21.54 5.16 25.69
CA LYS B 121 -22.03 5.98 26.80
C LYS B 121 -21.05 7.07 27.24
N ILE B 122 -21.57 8.29 27.45
CA ILE B 122 -20.76 9.38 27.95
C ILE B 122 -20.71 9.26 29.46
N GLN B 123 -19.50 9.09 29.97
CA GLN B 123 -19.35 8.95 31.40
C GLN B 123 -18.92 10.28 31.98
N HIS B 124 -18.21 11.11 31.20
CA HIS B 124 -17.63 12.36 31.64
C HIS B 124 -18.27 13.59 31.00
N THR B 125 -18.76 14.46 31.87
CA THR B 125 -19.47 15.68 31.47
C THR B 125 -18.83 16.92 32.10
N ASP B 126 -17.51 16.98 31.88
CA ASP B 126 -16.62 18.05 32.30
C ASP B 126 -16.16 18.85 31.09
N VAL B 127 -16.23 18.13 29.96
CA VAL B 127 -15.91 18.55 28.62
C VAL B 127 -17.23 18.94 28.00
N PRO B 128 -17.26 19.81 27.01
CA PRO B 128 -18.40 19.99 26.12
C PRO B 128 -18.97 18.72 25.50
N LEU B 129 -20.28 18.51 25.54
CA LEU B 129 -20.89 17.33 24.98
C LEU B 129 -20.66 17.23 23.49
N SER B 130 -20.40 18.34 22.80
CA SER B 130 -20.14 18.28 21.38
C SER B 130 -18.76 17.78 21.04
N TYR B 131 -17.86 17.68 22.05
CA TYR B 131 -16.51 17.11 21.94
C TYR B 131 -16.58 15.63 21.60
N TYR B 132 -17.75 15.00 21.80
CA TYR B 132 -18.06 13.63 21.49
C TYR B 132 -18.57 13.34 20.07
N THR B 133 -18.38 14.32 19.18
CA THR B 133 -18.62 14.18 17.74
C THR B 133 -17.26 14.36 17.02
N GLY B 134 -16.22 14.80 17.74
CA GLY B 134 -14.90 15.00 17.22
C GLY B 134 -13.90 14.33 18.12
N LEU B 135 -13.14 15.17 18.83
CA LEU B 135 -12.05 14.82 19.74
C LEU B 135 -12.23 13.65 20.66
N LEU B 136 -13.41 13.43 21.22
CA LEU B 136 -13.63 12.35 22.16
C LEU B 136 -14.48 11.25 21.59
N GLY B 137 -14.78 11.39 20.29
CA GLY B 137 -15.65 10.48 19.57
C GLY B 137 -14.86 9.88 18.46
N MET B 138 -15.54 9.52 17.38
CA MET B 138 -14.89 8.86 16.26
C MET B 138 -13.74 9.64 15.64
N PRO B 139 -13.71 10.94 15.32
CA PRO B 139 -12.54 11.57 14.74
C PRO B 139 -11.33 11.58 15.65
N GLY B 140 -11.51 11.49 16.95
CA GLY B 140 -10.40 11.49 17.87
C GLY B 140 -9.80 10.11 17.95
N MET B 141 -10.66 9.10 18.05
CA MET B 141 -10.28 7.68 17.99
C MET B 141 -9.61 7.31 16.64
N THR B 142 -9.86 8.06 15.55
CA THR B 142 -9.22 7.83 14.26
C THR B 142 -7.79 8.21 14.36
N ALA B 143 -7.49 9.40 14.90
CA ALA B 143 -6.13 9.89 15.06
C ALA B 143 -5.18 9.08 15.96
N TYR B 144 -5.78 8.45 16.96
CA TYR B 144 -5.12 7.66 17.98
C TYR B 144 -4.86 6.26 17.44
N ALA B 145 -5.88 5.58 16.92
CA ALA B 145 -5.76 4.28 16.31
C ALA B 145 -4.91 4.40 15.07
N GLY B 146 -5.03 5.42 14.25
CA GLY B 146 -4.20 5.55 13.07
C GLY B 146 -2.77 6.01 13.30
N PHE B 147 -2.50 6.94 14.23
CA PHE B 147 -1.14 7.36 14.49
C PHE B 147 -0.41 6.38 15.39
N TYR B 148 -0.97 5.83 16.45
CA TYR B 148 -0.20 4.97 17.36
C TYR B 148 -0.09 3.49 16.98
N GLU B 149 -1.18 2.98 16.42
CA GLU B 149 -1.28 1.61 15.94
C GLU B 149 -0.88 1.40 14.47
N VAL B 150 -1.20 2.32 13.55
CA VAL B 150 -0.99 2.11 12.14
C VAL B 150 0.24 2.85 11.64
N CYS B 151 0.70 3.96 12.21
CA CYS B 151 1.86 4.62 11.65
C CYS B 151 3.18 4.18 12.24
N SER B 152 3.17 3.20 13.15
CA SER B 152 4.33 2.73 13.93
C SER B 152 5.39 3.79 14.28
N PRO B 153 4.98 4.92 14.94
CA PRO B 153 5.80 6.10 15.14
C PRO B 153 6.89 5.92 16.19
N LYS B 154 8.03 6.56 15.99
CA LYS B 154 9.13 6.47 16.93
C LYS B 154 9.51 7.91 17.18
N GLU B 155 9.96 8.23 18.40
CA GLU B 155 10.27 9.60 18.73
C GLU B 155 11.36 10.18 17.86
N GLY B 156 11.05 11.37 17.32
CA GLY B 156 12.01 12.12 16.52
C GLY B 156 11.66 12.10 15.06
N GLU B 157 10.79 11.20 14.63
CA GLU B 157 10.49 11.10 13.20
C GLU B 157 9.76 12.31 12.68
N THR B 158 9.88 12.54 11.37
CA THR B 158 9.16 13.63 10.71
C THR B 158 7.80 13.14 10.21
N VAL B 159 6.72 13.78 10.63
CA VAL B 159 5.36 13.43 10.27
C VAL B 159 4.76 14.45 9.33
N TYR B 160 3.95 14.01 8.40
CA TYR B 160 3.25 14.89 7.51
C TYR B 160 1.84 14.39 7.64
N VAL B 161 0.96 15.35 7.87
CA VAL B 161 -0.46 15.13 8.10
C VAL B 161 -1.14 15.88 6.99
N SER B 162 -1.96 15.32 6.12
CA SER B 162 -2.58 16.15 5.09
C SER B 162 -3.97 16.52 5.57
N ALA B 163 -4.39 17.70 5.08
CA ALA B 163 -5.63 18.32 5.52
C ALA B 163 -5.55 18.39 7.05
N ALA B 164 -4.58 19.14 7.59
CA ALA B 164 -4.36 19.11 9.01
C ALA B 164 -5.27 19.90 9.93
N SER B 165 -6.26 20.66 9.45
CA SER B 165 -7.17 21.34 10.39
C SER B 165 -8.53 20.69 10.58
N GLY B 166 -8.72 19.47 10.01
CA GLY B 166 -9.91 18.65 10.20
C GLY B 166 -9.81 17.97 11.55
N ALA B 167 -10.85 17.38 12.15
CA ALA B 167 -10.71 16.85 13.50
C ALA B 167 -9.66 15.80 13.79
N VAL B 168 -9.29 15.00 12.76
CA VAL B 168 -8.32 13.94 12.96
C VAL B 168 -6.93 14.50 12.76
N GLY B 169 -6.76 15.42 11.82
CA GLY B 169 -5.46 16.01 11.55
C GLY B 169 -4.95 16.94 12.63
N GLN B 170 -5.83 17.74 13.22
CA GLN B 170 -5.31 18.63 14.23
C GLN B 170 -5.00 17.84 15.50
N LEU B 171 -5.60 16.67 15.79
CA LEU B 171 -5.21 15.82 16.94
C LEU B 171 -4.00 14.95 16.59
N VAL B 172 -3.92 14.39 15.36
CA VAL B 172 -2.81 13.54 14.93
C VAL B 172 -1.57 14.34 15.16
N GLY B 173 -1.53 15.58 14.67
CA GLY B 173 -0.33 16.39 14.79
C GLY B 173 0.08 16.67 16.23
N GLN B 174 -0.81 16.53 17.21
CA GLN B 174 -0.46 16.86 18.56
C GLN B 174 0.11 15.65 19.25
N LEU B 175 -0.56 14.52 19.03
CA LEU B 175 -0.16 13.19 19.43
C LEU B 175 1.27 12.97 18.97
N ALA B 176 1.59 13.35 17.73
CA ALA B 176 2.93 13.34 17.21
C ALA B 176 3.85 14.33 17.90
N LYS B 177 3.37 15.55 18.13
CA LYS B 177 4.18 16.57 18.78
C LYS B 177 4.49 16.17 20.20
N MET B 178 3.63 15.44 20.90
CA MET B 178 3.93 14.96 22.22
C MET B 178 4.87 13.75 22.16
N MET B 179 5.69 13.62 21.13
CA MET B 179 6.63 12.51 20.95
C MET B 179 7.89 13.02 20.27
N GLY B 180 8.05 14.33 20.15
CA GLY B 180 9.24 14.93 19.62
C GLY B 180 9.34 14.87 18.13
N CYS B 181 8.26 14.40 17.48
CA CYS B 181 8.22 14.30 16.02
C CYS B 181 8.23 15.67 15.37
N TYR B 182 8.77 15.81 14.16
CA TYR B 182 8.78 17.09 13.46
C TYR B 182 7.51 17.06 12.61
N VAL B 183 6.54 17.94 12.82
CA VAL B 183 5.29 17.85 12.09
C VAL B 183 5.06 19.03 11.22
N VAL B 184 4.76 18.72 9.95
CA VAL B 184 4.30 19.71 9.01
C VAL B 184 2.88 19.29 8.67
N GLY B 185 2.06 20.28 8.39
CA GLY B 185 0.67 20.10 8.01
C GLY B 185 0.33 20.87 6.74
N SER B 186 -0.88 20.65 6.18
CA SER B 186 -1.36 21.44 5.06
C SER B 186 -2.84 21.64 5.28
N ALA B 187 -3.25 22.78 4.78
CA ALA B 187 -4.63 23.19 4.80
C ALA B 187 -4.83 24.07 3.60
N GLY B 188 -6.07 24.29 3.24
CA GLY B 188 -6.45 25.05 2.06
C GLY B 188 -6.63 26.56 2.22
N SER B 189 -6.20 27.18 3.33
CA SER B 189 -6.33 28.63 3.48
C SER B 189 -5.32 29.12 4.47
N LYS B 190 -4.84 30.35 4.28
CA LYS B 190 -3.87 30.86 5.23
C LYS B 190 -4.42 31.17 6.59
N GLU B 191 -5.73 31.26 6.80
CA GLU B 191 -6.23 31.48 8.13
C GLU B 191 -6.19 30.19 8.93
N LYS B 192 -6.43 29.08 8.24
CA LYS B 192 -6.37 27.75 8.85
C LYS B 192 -4.92 27.30 8.95
N VAL B 193 -4.08 27.70 7.97
CA VAL B 193 -2.66 27.42 7.98
C VAL B 193 -2.01 28.11 9.14
N ASP B 194 -2.38 29.38 9.40
CA ASP B 194 -1.85 30.08 10.53
C ASP B 194 -2.31 29.54 11.85
N LEU B 195 -3.43 28.82 11.93
CA LEU B 195 -3.81 28.16 13.17
C LEU B 195 -2.97 26.90 13.43
N LEU B 196 -2.58 26.13 12.40
CA LEU B 196 -1.74 24.95 12.54
C LEU B 196 -0.37 25.22 13.12
N LYS B 197 0.26 26.25 12.56
CA LYS B 197 1.53 26.79 12.98
C LYS B 197 1.50 27.50 14.34
N THR B 198 0.41 28.16 14.78
CA THR B 198 0.39 28.88 16.06
C THR B 198 -0.42 28.21 17.16
N LYS B 199 -1.74 28.04 17.02
CA LYS B 199 -2.56 27.43 18.04
C LYS B 199 -2.34 25.93 18.18
N PHE B 200 -2.06 25.19 17.10
CA PHE B 200 -1.82 23.74 17.14
C PHE B 200 -0.35 23.30 17.28
N GLY B 201 0.61 24.23 17.19
CA GLY B 201 2.00 23.96 17.45
C GLY B 201 2.69 23.09 16.44
N PHE B 202 2.21 23.11 15.20
CA PHE B 202 2.90 22.46 14.09
C PHE B 202 4.18 23.23 13.83
N ASP B 203 5.22 22.54 13.35
CA ASP B 203 6.49 23.20 13.11
C ASP B 203 6.47 24.02 11.84
N ASP B 204 5.70 23.56 10.87
CA ASP B 204 5.51 24.27 9.61
C ASP B 204 4.16 23.78 9.12
N ALA B 205 3.68 24.49 8.09
CA ALA B 205 2.39 24.31 7.47
C ALA B 205 2.30 25.14 6.20
N PHE B 206 1.40 24.81 5.29
CA PHE B 206 1.29 25.55 4.04
C PHE B 206 -0.05 25.32 3.45
N ASN B 207 -0.33 26.31 2.63
CA ASN B 207 -1.58 26.34 1.96
C ASN B 207 -1.36 25.48 0.73
N TYR B 208 -2.00 24.33 0.61
CA TYR B 208 -1.74 23.51 -0.58
C TYR B 208 -2.26 24.10 -1.88
N LYS B 209 -3.05 25.18 -1.73
CA LYS B 209 -3.68 25.96 -2.79
C LYS B 209 -2.73 27.02 -3.37
N GLU B 210 -1.91 27.63 -2.48
CA GLU B 210 -0.89 28.66 -2.77
C GLU B 210 0.39 28.06 -3.35
N GLU B 211 0.56 26.74 -3.23
CA GLU B 211 1.69 26.05 -3.79
C GLU B 211 1.33 25.25 -5.02
N SER B 212 2.10 25.72 -5.99
CA SER B 212 2.10 25.22 -7.34
C SER B 212 2.71 23.82 -7.47
N ASP B 213 3.96 23.69 -7.00
CA ASP B 213 4.67 22.43 -7.03
C ASP B 213 4.63 21.88 -5.62
N LEU B 214 3.75 20.89 -5.46
CA LEU B 214 3.61 20.21 -4.19
C LEU B 214 4.76 19.32 -3.84
N THR B 215 5.56 18.81 -4.78
CA THR B 215 6.66 17.99 -4.32
C THR B 215 7.75 18.93 -3.85
N ALA B 216 7.79 20.17 -4.39
CA ALA B 216 8.72 21.19 -3.96
C ALA B 216 8.35 21.82 -2.63
N ALA B 217 7.04 21.96 -2.30
CA ALA B 217 6.52 22.47 -1.03
C ALA B 217 6.91 21.55 0.10
N LEU B 218 6.77 20.24 -0.14
CA LEU B 218 7.17 19.25 0.81
C LEU B 218 8.67 19.13 0.92
N LYS B 219 9.37 19.52 -0.14
CA LYS B 219 10.81 19.43 -0.15
C LYS B 219 11.43 20.51 0.74
N ARG B 220 10.86 21.73 0.75
CA ARG B 220 11.38 22.80 1.59
C ARG B 220 10.87 22.67 3.03
N CYS B 221 9.73 22.00 3.27
CA CYS B 221 9.24 21.76 4.61
C CYS B 221 10.00 20.58 5.20
N PHE B 222 10.20 19.50 4.44
CA PHE B 222 10.94 18.31 4.84
C PHE B 222 12.25 18.19 4.06
N PRO B 223 13.29 18.85 4.55
CA PRO B 223 14.62 18.83 3.97
C PRO B 223 15.27 17.47 4.08
N ASN B 224 14.91 16.72 5.14
CA ASN B 224 15.37 15.36 5.38
C ASN B 224 14.25 14.33 5.24
N GLY B 225 13.29 14.62 4.34
CA GLY B 225 12.22 13.70 3.99
C GLY B 225 11.20 13.42 5.05
N ILE B 226 10.27 12.58 4.61
CA ILE B 226 9.10 12.19 5.36
C ILE B 226 9.16 10.73 5.77
N ASP B 227 8.92 10.42 7.03
CA ASP B 227 8.88 9.06 7.53
C ASP B 227 7.49 8.57 7.83
N ILE B 228 6.54 9.42 8.20
CA ILE B 228 5.14 9.06 8.37
C ILE B 228 4.28 10.03 7.56
N TYR B 229 3.19 9.53 6.96
CA TYR B 229 2.23 10.35 6.24
C TYR B 229 0.88 9.85 6.69
N PHE B 230 0.17 10.81 7.32
CA PHE B 230 -1.21 10.63 7.70
C PHE B 230 -2.01 11.24 6.54
N GLU B 231 -2.51 10.26 5.78
CA GLU B 231 -3.18 10.42 4.50
C GLU B 231 -4.64 10.76 4.64
N ASN B 232 -5.05 12.01 4.43
CA ASN B 232 -6.48 12.32 4.52
C ASN B 232 -6.97 12.77 3.15
N VAL B 233 -6.11 13.34 2.29
CA VAL B 233 -6.52 13.80 0.96
C VAL B 233 -6.34 12.88 -0.27
N GLY B 234 -5.12 12.47 -0.68
CA GLY B 234 -4.95 11.60 -1.83
C GLY B 234 -4.57 12.29 -3.13
N GLY B 235 -4.45 11.46 -4.18
CA GLY B 235 -4.19 11.87 -5.54
C GLY B 235 -2.83 12.48 -5.76
N LYS B 236 -2.87 13.78 -6.06
CA LYS B 236 -1.72 14.63 -6.35
C LYS B 236 -0.73 14.82 -5.20
N MET B 237 -1.32 14.76 -4.00
CA MET B 237 -0.61 14.89 -2.73
C MET B 237 0.21 13.68 -2.36
N LEU B 238 -0.35 12.51 -2.65
CA LEU B 238 0.29 11.23 -2.44
C LEU B 238 1.47 11.13 -3.38
N ASP B 239 1.40 11.58 -4.65
CA ASP B 239 2.57 11.56 -5.49
C ASP B 239 3.66 12.47 -5.00
N ALA B 240 3.28 13.61 -4.44
CA ALA B 240 4.21 14.54 -3.85
C ALA B 240 4.95 13.94 -2.67
N VAL B 241 4.35 13.11 -1.81
CA VAL B 241 5.10 12.60 -0.67
C VAL B 241 5.88 11.36 -1.03
N LEU B 242 5.45 10.44 -1.90
CA LEU B 242 6.23 9.27 -2.27
C LEU B 242 7.59 9.71 -2.77
N VAL B 243 7.66 10.83 -3.46
CA VAL B 243 8.92 11.42 -3.87
C VAL B 243 9.77 11.86 -2.67
N ASN B 244 9.23 12.66 -1.74
CA ASN B 244 9.91 13.13 -0.52
C ASN B 244 10.00 12.15 0.67
N MET B 245 9.37 10.99 0.61
CA MET B 245 9.37 10.03 1.67
C MET B 245 10.74 9.38 1.79
N ASN B 246 11.08 9.02 3.03
CA ASN B 246 12.31 8.38 3.38
C ASN B 246 12.09 6.90 3.30
N MET B 247 13.26 6.27 3.39
CA MET B 247 13.28 4.85 3.43
C MET B 247 12.69 4.35 4.74
N HIS B 248 11.94 3.27 4.56
CA HIS B 248 11.13 2.57 5.56
C HIS B 248 9.98 3.41 6.07
N GLY B 249 9.63 4.44 5.29
CA GLY B 249 8.52 5.31 5.55
C GLY B 249 7.23 4.54 5.64
N ARG B 250 6.27 5.07 6.38
CA ARG B 250 4.93 4.52 6.52
C ARG B 250 3.87 5.52 6.07
N ILE B 251 2.79 5.07 5.42
CA ILE B 251 1.68 5.88 4.95
C ILE B 251 0.47 5.21 5.55
N ALA B 252 -0.25 5.95 6.40
CA ALA B 252 -1.50 5.43 6.95
C ALA B 252 -2.66 6.08 6.18
N VAL B 253 -3.43 5.33 5.39
CA VAL B 253 -4.46 5.87 4.53
C VAL B 253 -5.75 5.70 5.28
N CYS B 254 -6.16 6.87 5.72
CA CYS B 254 -7.30 7.10 6.57
C CYS B 254 -8.57 7.41 5.78
N GLY B 255 -8.41 8.34 4.85
CA GLY B 255 -9.45 8.78 3.94
C GLY B 255 -8.76 9.36 2.72
N MET B 256 -9.48 9.55 1.62
CA MET B 256 -8.88 10.13 0.43
C MET B 256 -9.90 11.10 -0.13
N ILE B 257 -9.97 12.23 0.58
CA ILE B 257 -11.06 13.19 0.36
C ILE B 257 -10.91 14.03 -0.88
N SER B 258 -9.80 14.02 -1.63
CA SER B 258 -9.76 14.74 -2.89
C SER B 258 -10.36 13.93 -4.03
N GLN B 259 -10.72 12.67 -3.76
CA GLN B 259 -11.27 11.72 -4.72
C GLN B 259 -12.75 11.41 -4.57
N TYR B 260 -13.31 11.56 -3.37
CA TYR B 260 -14.72 11.29 -3.07
C TYR B 260 -15.74 11.98 -3.99
N ASN B 261 -15.54 13.26 -4.32
CA ASN B 261 -16.48 14.02 -5.14
C ASN B 261 -16.12 14.03 -6.62
N LEU B 262 -14.97 13.45 -6.94
CA LEU B 262 -14.54 13.29 -8.30
C LEU B 262 -15.31 12.09 -8.81
N GLU B 263 -15.91 12.28 -9.97
CA GLU B 263 -16.54 11.12 -10.57
C GLU B 263 -15.59 10.37 -11.48
N ASN B 264 -14.42 11.00 -11.60
CA ASN B 264 -13.27 10.57 -12.40
C ASN B 264 -12.06 10.46 -11.45
N GLN B 265 -11.72 9.29 -10.90
CA GLN B 265 -10.61 9.09 -9.97
C GLN B 265 -9.24 9.47 -10.51
N GLU B 266 -8.44 10.29 -9.78
CA GLU B 266 -7.11 10.71 -10.21
C GLU B 266 -6.14 9.53 -10.22
N GLY B 267 -5.06 9.68 -10.99
CA GLY B 267 -4.04 8.66 -11.07
C GLY B 267 -2.83 8.97 -10.22
N VAL B 268 -2.35 7.93 -9.50
CA VAL B 268 -1.13 7.99 -8.72
C VAL B 268 -0.10 7.14 -9.46
N HIS B 269 0.89 7.89 -9.89
CA HIS B 269 1.99 7.47 -10.75
C HIS B 269 3.22 6.90 -10.05
N ASN B 270 3.66 7.67 -9.04
CA ASN B 270 4.83 7.38 -8.23
C ASN B 270 4.77 6.18 -7.32
N LEU B 271 3.85 5.25 -7.50
CA LEU B 271 3.73 4.18 -6.55
C LEU B 271 4.95 3.28 -6.49
N SER B 272 5.82 3.30 -7.50
CA SER B 272 7.00 2.46 -7.58
C SER B 272 8.12 2.73 -6.58
N ASN B 273 8.05 3.95 -6.02
CA ASN B 273 8.95 4.49 -5.02
C ASN B 273 8.93 3.66 -3.78
N ILE B 274 7.82 2.96 -3.55
CA ILE B 274 7.70 2.18 -2.36
C ILE B 274 8.63 1.00 -2.37
N ILE B 275 9.08 0.55 -3.54
CA ILE B 275 9.93 -0.62 -3.60
C ILE B 275 11.25 -0.26 -2.98
N TYR B 276 12.05 0.57 -3.66
CA TYR B 276 13.32 0.97 -3.13
C TYR B 276 13.25 1.74 -1.84
N LYS B 277 12.16 2.46 -1.48
CA LYS B 277 12.18 3.09 -0.16
C LYS B 277 11.55 2.14 0.83
N ARG B 278 11.05 0.98 0.43
CA ARG B 278 10.52 -0.02 1.35
C ARG B 278 9.39 0.41 2.26
N ASN B 279 8.58 1.29 1.64
CA ASN B 279 7.42 1.96 2.23
C ASN B 279 6.27 1.01 2.41
N ARG B 280 5.62 1.14 3.57
CA ARG B 280 4.41 0.41 3.91
C ARG B 280 3.26 1.38 3.75
N ILE B 281 2.17 0.89 3.19
CA ILE B 281 0.97 1.67 2.97
C ILE B 281 -0.09 0.83 3.60
N GLN B 282 -0.82 1.38 4.58
CA GLN B 282 -1.84 0.63 5.26
C GLN B 282 -3.12 1.42 5.44
N GLY B 283 -4.17 0.92 4.82
CA GLY B 283 -5.48 1.49 4.94
C GLY B 283 -6.05 1.05 6.26
N PHE B 284 -6.87 1.89 6.91
CA PHE B 284 -7.52 1.44 8.13
C PHE B 284 -8.86 2.15 8.26
N VAL B 285 -9.67 1.59 9.16
CA VAL B 285 -10.97 2.10 9.52
C VAL B 285 -11.14 2.09 11.06
N VAL B 286 -11.39 3.22 11.78
CA VAL B 286 -11.63 3.25 13.23
C VAL B 286 -12.47 2.16 13.79
N SER B 287 -13.57 1.74 13.16
CA SER B 287 -14.48 0.70 13.64
C SER B 287 -13.85 -0.57 14.19
N ASP B 288 -12.71 -0.91 13.58
CA ASP B 288 -11.93 -2.08 13.94
C ASP B 288 -11.35 -1.86 15.35
N PHE B 289 -10.83 -0.65 15.62
CA PHE B 289 -10.22 -0.22 16.87
C PHE B 289 -11.09 0.24 18.01
N TYR B 290 -12.42 0.28 17.90
CA TYR B 290 -13.29 0.69 18.99
C TYR B 290 -13.16 -0.18 20.20
N ASP B 291 -12.39 -1.28 20.13
CA ASP B 291 -12.12 -2.14 21.27
C ASP B 291 -11.23 -1.40 22.26
N LYS B 292 -10.44 -0.44 21.74
CA LYS B 292 -9.57 0.41 22.53
C LYS B 292 -10.12 1.81 22.84
N TYR B 293 -11.44 2.05 22.90
CA TYR B 293 -11.96 3.39 23.17
C TYR B 293 -11.83 3.80 24.64
N SER B 294 -12.04 2.89 25.57
CA SER B 294 -11.87 3.13 26.99
C SER B 294 -10.43 3.47 27.30
N LYS B 295 -9.50 2.95 26.49
CA LYS B 295 -8.08 3.21 26.61
C LYS B 295 -7.79 4.53 25.92
N PHE B 296 -8.56 4.92 24.90
CA PHE B 296 -8.37 6.20 24.28
C PHE B 296 -8.83 7.28 25.23
N LEU B 297 -10.03 7.18 25.79
CA LEU B 297 -10.54 8.16 26.75
C LEU B 297 -9.68 8.42 27.96
N GLU B 298 -9.26 7.36 28.63
CA GLU B 298 -8.39 7.49 29.80
C GLU B 298 -7.04 8.06 29.41
N PHE B 299 -6.68 8.04 28.13
CA PHE B 299 -5.45 8.65 27.67
C PHE B 299 -5.60 10.15 27.47
N VAL B 300 -6.49 10.52 26.55
CA VAL B 300 -6.64 11.89 26.09
C VAL B 300 -7.34 12.79 27.08
N LEU B 301 -8.23 12.30 27.95
CA LEU B 301 -8.96 13.13 28.86
C LEU B 301 -8.00 13.84 29.81
N PRO B 302 -7.04 13.24 30.53
CA PRO B 302 -5.84 13.92 31.06
C PRO B 302 -5.14 15.01 30.27
N HIS B 303 -4.75 14.76 29.03
CA HIS B 303 -4.09 15.77 28.21
C HIS B 303 -4.96 16.98 27.92
N ILE B 304 -6.26 16.77 27.83
CA ILE B 304 -7.20 17.83 27.55
C ILE B 304 -7.22 18.78 28.75
N ARG B 305 -7.54 18.24 29.93
CA ARG B 305 -7.60 19.06 31.11
C ARG B 305 -6.26 19.33 31.79
N GLU B 306 -5.23 19.59 30.99
CA GLU B 306 -3.89 19.93 31.42
C GLU B 306 -3.30 20.82 30.36
N GLY B 307 -4.12 21.34 29.45
CA GLY B 307 -3.68 22.22 28.39
C GLY B 307 -2.67 21.62 27.43
N LYS B 308 -2.63 20.30 27.25
CA LYS B 308 -1.70 19.76 26.28
C LYS B 308 -2.29 19.51 24.91
N ILE B 309 -3.63 19.61 24.78
CA ILE B 309 -4.39 19.40 23.55
C ILE B 309 -5.37 20.55 23.31
N THR B 310 -5.27 21.03 22.07
CA THR B 310 -6.15 22.05 21.56
C THR B 310 -7.09 21.49 20.48
N TYR B 311 -8.31 22.06 20.48
CA TYR B 311 -9.44 21.71 19.61
C TYR B 311 -10.40 22.90 19.34
N VAL B 312 -10.52 23.15 18.01
CA VAL B 312 -11.36 24.17 17.40
C VAL B 312 -12.64 23.57 16.79
N GLU B 313 -13.83 23.90 17.28
CA GLU B 313 -15.06 23.49 16.62
C GLU B 313 -15.60 24.60 15.70
N ASP B 314 -16.65 24.26 14.96
CA ASP B 314 -17.35 25.14 14.05
C ASP B 314 -18.80 24.70 14.22
N VAL B 315 -19.57 25.45 15.02
CA VAL B 315 -20.95 25.06 15.37
C VAL B 315 -21.99 25.74 14.50
N ALA B 316 -22.88 24.96 13.87
CA ALA B 316 -24.00 25.48 13.08
C ALA B 316 -25.24 25.12 13.87
N ASP B 317 -26.14 26.09 13.92
CA ASP B 317 -27.32 26.05 14.76
C ASP B 317 -28.56 25.50 14.10
N GLY B 318 -29.03 24.41 14.67
CA GLY B 318 -30.26 23.78 14.23
C GLY B 318 -30.13 22.94 12.98
N LEU B 319 -31.02 21.96 12.95
CA LEU B 319 -31.10 20.95 11.92
C LEU B 319 -31.28 21.46 10.51
N GLU B 320 -31.74 22.70 10.37
CA GLU B 320 -31.98 23.37 9.09
C GLU B 320 -30.69 23.89 8.45
N LYS B 321 -29.72 24.08 9.33
CA LYS B 321 -28.40 24.47 8.93
C LYS B 321 -27.59 23.25 8.49
N ALA B 322 -28.02 22.04 8.90
CA ALA B 322 -27.28 20.83 8.62
C ALA B 322 -27.00 20.63 7.15
N PRO B 323 -27.88 20.76 6.16
CA PRO B 323 -27.51 20.60 4.75
C PRO B 323 -26.44 21.54 4.21
N GLU B 324 -26.50 22.84 4.51
CA GLU B 324 -25.48 23.78 4.05
C GLU B 324 -24.17 23.63 4.82
N ALA B 325 -24.29 23.09 6.04
CA ALA B 325 -23.14 22.83 6.90
C ALA B 325 -22.38 21.70 6.24
N LEU B 326 -23.10 20.58 5.98
CA LEU B 326 -22.52 19.42 5.35
C LEU B 326 -22.05 19.67 3.91
N VAL B 327 -22.74 20.49 3.09
CA VAL B 327 -22.27 20.76 1.75
C VAL B 327 -21.05 21.64 1.76
N GLY B 328 -20.91 22.60 2.66
CA GLY B 328 -19.73 23.45 2.70
C GLY B 328 -18.47 22.71 3.17
N LEU B 329 -18.66 21.67 3.97
CA LEU B 329 -17.61 20.81 4.45
C LEU B 329 -16.79 20.31 3.29
N PHE B 330 -17.41 19.72 2.24
CA PHE B 330 -16.68 19.19 1.10
C PHE B 330 -16.00 20.23 0.22
N HIS B 331 -16.27 21.53 0.45
CA HIS B 331 -15.54 22.61 -0.20
C HIS B 331 -14.61 23.33 0.78
N GLY B 332 -14.68 22.95 2.04
CA GLY B 332 -13.83 23.45 3.10
C GLY B 332 -14.24 24.79 3.65
N LYS B 333 -15.50 24.96 3.99
CA LYS B 333 -15.91 26.27 4.46
C LYS B 333 -15.63 26.43 5.91
N ASN B 334 -15.71 25.32 6.65
CA ASN B 334 -15.47 25.24 8.09
C ASN B 334 -14.04 25.55 8.53
N VAL B 335 -13.74 25.93 9.78
CA VAL B 335 -12.35 26.12 10.18
C VAL B 335 -11.86 25.03 11.14
N GLY B 336 -12.75 24.40 11.89
CA GLY B 336 -12.36 23.27 12.72
C GLY B 336 -13.34 22.14 12.49
N LYS B 337 -13.59 21.26 13.48
CA LYS B 337 -14.59 20.21 13.33
C LYS B 337 -15.96 20.86 13.24
N GLN B 338 -16.72 20.49 12.20
CA GLN B 338 -18.03 21.04 12.00
C GLN B 338 -19.11 20.30 12.75
N VAL B 339 -19.75 20.98 13.71
CA VAL B 339 -20.83 20.43 14.52
C VAL B 339 -22.14 21.09 14.10
N VAL B 340 -23.26 20.39 14.23
CA VAL B 340 -24.60 20.92 14.00
C VAL B 340 -25.32 20.67 15.31
N VAL B 341 -25.81 21.72 16.00
CA VAL B 341 -26.53 21.51 17.25
C VAL B 341 -28.03 21.44 16.95
N VAL B 342 -28.55 20.21 17.08
CA VAL B 342 -29.95 19.91 16.82
C VAL B 342 -30.79 20.52 17.92
N ALA B 343 -30.45 20.15 19.16
CA ALA B 343 -31.12 20.60 20.36
C ALA B 343 -30.05 20.82 21.41
N ARG B 344 -30.02 21.97 22.09
CA ARG B 344 -29.02 22.11 23.13
C ARG B 344 -29.53 21.69 24.50
N GLU B 345 -28.50 21.28 25.24
CA GLU B 345 -28.52 20.77 26.61
C GLU B 345 -27.09 20.73 27.17
#